data_6PFX
#
_entry.id   6PFX
#
_cell.length_a   74.255
_cell.length_b   76.434
_cell.length_c   78.400
_cell.angle_alpha   90.000
_cell.angle_beta   117.725
_cell.angle_gamma   90.000
#
_symmetry.space_group_name_H-M   'P 1 21 1'
#
loop_
_entity.id
_entity.type
_entity.pdbx_description
1 polymer 'D-alanyl transferase DltD'
2 non-polymer GLYCEROL
3 water water
#
_entity_poly.entity_id   1
_entity_poly.type   'polypeptide(L)'
_entity_poly.pdbx_seq_one_letter_code
;GAMVDISNPETIRRASSSMSVNVLKGDAIKNYALSEKQYIPFFGSSELSRISPFHPSVLAEKYQRNYRPFLLGAPGTQSL
SQYMMMRSAGDAMKNKKVVFIISPQWFVKNGVKTDYFNTYYSELQTYDWLFSMKKVTPADRYLARRLLTFSKVKENDTLT
AILQTIKKGKLPLPESLNQLRSQWNMLKREDEVFSNIGLKDRQQKIDHESKRLPKQYQETELSILANQIGERETTNNPFG
LKNDFYTHRIRAHEPELKQSQKNWDYRFSPEFSDFQLVLDQLAKNHNEVLFIIPPVNEKWSDYTGLSQEMLQGFAKKIKF
QLNSQGFNRIADFVNQAGTNYFMEDTIHLGWKGWLAADQQIRPFLEENHITASKYHLDDAFFSKSWQHQIPDKLQLK
;
_entity_poly.pdbx_strand_id   A,B
#
# COMPACT_ATOMS: atom_id res chain seq x y z
N SER A 7 1.19 19.82 -0.08
CA SER A 7 0.15 20.75 -0.52
C SER A 7 0.58 21.49 -1.79
N ASN A 8 1.79 21.19 -2.24
CA ASN A 8 2.32 21.69 -3.50
C ASN A 8 1.35 21.35 -4.64
N PRO A 9 1.07 22.28 -5.55
CA PRO A 9 0.11 21.97 -6.63
C PRO A 9 0.49 20.75 -7.46
N GLU A 10 1.77 20.55 -7.74
CA GLU A 10 2.18 19.37 -8.51
C GLU A 10 2.00 18.10 -7.70
N THR A 11 2.14 18.17 -6.38
CA THR A 11 1.89 16.99 -5.56
C THR A 11 0.41 16.62 -5.61
N ILE A 12 -0.47 17.62 -5.54
CA ILE A 12 -1.90 17.33 -5.59
C ILE A 12 -2.27 16.72 -6.93
N ARG A 13 -1.74 17.30 -8.02
CA ARG A 13 -2.01 16.78 -9.35
C ARG A 13 -1.56 15.33 -9.47
N ARG A 14 -0.36 15.03 -9.00
CA ARG A 14 0.10 13.64 -8.98
C ARG A 14 -0.86 12.77 -8.17
N ALA A 15 -1.25 13.26 -6.98
CA ALA A 15 -2.14 12.48 -6.12
C ALA A 15 -3.48 12.21 -6.80
N SER A 16 -3.97 13.17 -7.60
CA SER A 16 -5.31 13.08 -8.17
C SER A 16 -5.47 11.88 -9.10
N SER A 17 -4.36 11.30 -9.58
CA SER A 17 -4.41 10.14 -10.46
C SER A 17 -3.68 8.93 -9.89
N SER A 18 -3.17 9.03 -8.66
CA SER A 18 -2.33 7.96 -8.13
C SER A 18 -3.14 6.76 -7.65
N MET A 19 -4.36 6.97 -7.16
CA MET A 19 -5.12 5.92 -6.48
C MET A 19 -4.32 5.33 -5.33
N SER A 20 -3.40 6.11 -4.76
CA SER A 20 -2.56 5.62 -3.68
C SER A 20 -3.42 5.32 -2.46
N VAL A 21 -3.21 4.12 -1.88
CA VAL A 21 -3.98 3.72 -0.70
C VAL A 21 -3.82 4.73 0.43
N ASN A 22 -2.63 5.33 0.57
CA ASN A 22 -2.42 6.31 1.62
C ASN A 22 -3.21 7.60 1.38
N VAL A 23 -3.45 7.95 0.12
CA VAL A 23 -4.31 9.10 -0.19
C VAL A 23 -5.76 8.76 0.09
N LEU A 24 -6.20 7.58 -0.37
CA LEU A 24 -7.60 7.19 -0.22
C LEU A 24 -7.99 6.98 1.24
N LYS A 25 -7.05 6.53 2.08
CA LYS A 25 -7.30 6.35 3.51
C LYS A 25 -7.03 7.60 4.33
N GLY A 26 -6.44 8.63 3.73
CA GLY A 26 -6.05 9.82 4.45
C GLY A 26 -7.06 10.94 4.34
N ASP A 27 -6.64 12.13 4.82
CA ASP A 27 -7.45 13.33 4.79
C ASP A 27 -6.75 14.52 4.13
N ALA A 28 -5.48 14.76 4.49
CA ALA A 28 -4.84 16.02 4.16
C ALA A 28 -4.85 16.29 2.65
N ILE A 29 -4.48 15.29 1.85
CA ILE A 29 -4.37 15.50 0.41
C ILE A 29 -5.75 15.55 -0.23
N LYS A 30 -6.55 14.51 -0.03
CA LYS A 30 -7.83 14.42 -0.73
C LYS A 30 -8.77 15.56 -0.32
N ASN A 31 -8.77 15.95 0.96
CA ASN A 31 -9.72 16.98 1.41
C ASN A 31 -9.32 18.35 0.89
N TYR A 32 -8.02 18.64 0.87
CA TYR A 32 -7.57 19.88 0.26
C TYR A 32 -7.94 19.90 -1.22
N ALA A 33 -7.65 18.82 -1.92
CA ALA A 33 -7.93 18.78 -3.36
C ALA A 33 -9.42 18.98 -3.60
N LEU A 34 -10.26 18.25 -2.86
CA LEU A 34 -11.71 18.37 -3.04
C LEU A 34 -12.20 19.78 -2.74
N SER A 35 -11.50 20.52 -1.88
CA SER A 35 -11.88 21.90 -1.60
C SER A 35 -11.68 22.82 -2.81
N GLU A 36 -10.87 22.41 -3.79
CA GLU A 36 -10.65 23.22 -4.98
C GLU A 36 -11.73 22.94 -6.02
N LYS A 37 -12.17 24.01 -6.67
CA LYS A 37 -13.24 23.91 -7.66
C LYS A 37 -12.87 22.96 -8.78
N GLN A 38 -11.58 22.88 -9.13
CA GLN A 38 -11.18 22.18 -10.33
C GLN A 38 -11.25 20.67 -10.17
N TYR A 39 -11.12 20.16 -8.95
CA TYR A 39 -11.05 18.72 -8.72
C TYR A 39 -12.44 18.13 -8.50
N ILE A 40 -12.83 17.21 -9.37
CA ILE A 40 -14.13 16.55 -9.32
C ILE A 40 -13.88 15.10 -8.90
N PRO A 41 -14.47 14.64 -7.79
CA PRO A 41 -14.21 13.25 -7.37
C PRO A 41 -14.87 12.25 -8.31
N PHE A 42 -14.10 11.25 -8.72
CA PHE A 42 -14.57 10.09 -9.47
C PHE A 42 -14.43 8.87 -8.56
N PHE A 43 -15.56 8.33 -8.12
CA PHE A 43 -15.59 7.16 -7.26
C PHE A 43 -15.82 5.92 -8.11
N GLY A 44 -15.25 4.81 -7.65
CA GLY A 44 -15.40 3.57 -8.38
C GLY A 44 -14.50 2.48 -7.85
N SER A 45 -13.78 1.80 -8.73
CA SER A 45 -12.83 0.77 -8.30
C SER A 45 -11.75 0.65 -9.38
N SER A 46 -11.29 -0.56 -9.68
CA SER A 46 -10.08 -0.73 -10.49
C SER A 46 -10.21 -0.19 -11.91
N GLU A 47 -11.43 0.00 -12.42
CA GLU A 47 -11.58 0.50 -13.77
C GLU A 47 -11.00 1.90 -13.91
N LEU A 48 -10.86 2.64 -12.81
CA LEU A 48 -10.34 3.98 -12.93
C LEU A 48 -8.85 4.02 -13.23
N SER A 49 -8.15 2.90 -13.10
CA SER A 49 -6.75 2.84 -13.49
C SER A 49 -6.55 2.50 -14.96
N ARG A 50 -7.62 2.32 -15.73
CA ARG A 50 -7.48 1.92 -17.13
C ARG A 50 -7.19 3.17 -17.97
N ILE A 51 -5.94 3.63 -17.91
CA ILE A 51 -5.53 4.82 -18.66
C ILE A 51 -5.36 4.45 -20.13
N SER A 52 -6.18 5.07 -20.97
CA SER A 52 -6.14 4.95 -22.42
C SER A 52 -6.47 6.35 -22.93
N PRO A 53 -6.46 6.58 -24.24
CA PRO A 53 -6.82 7.91 -24.74
C PRO A 53 -8.21 8.38 -24.33
N PHE A 54 -9.09 7.46 -23.89
CA PHE A 54 -10.50 7.76 -23.62
C PHE A 54 -10.83 7.86 -22.15
N HIS A 55 -9.87 7.60 -21.28
CA HIS A 55 -10.06 7.74 -19.85
C HIS A 55 -10.40 9.18 -19.48
N PRO A 56 -11.24 9.38 -18.46
CA PRO A 56 -11.70 10.75 -18.13
C PRO A 56 -10.57 11.74 -17.88
N SER A 57 -9.47 11.30 -17.28
CA SER A 57 -8.39 12.23 -17.01
C SER A 57 -7.67 12.65 -18.29
N VAL A 58 -7.57 11.73 -19.26
CA VAL A 58 -6.91 12.04 -20.53
C VAL A 58 -7.75 13.01 -21.35
N LEU A 59 -9.05 12.74 -21.47
CA LEU A 59 -9.90 13.65 -22.23
C LEU A 59 -9.92 15.04 -21.60
N ALA A 60 -10.03 15.13 -20.28
CA ALA A 60 -10.10 16.43 -19.64
C ALA A 60 -8.83 17.24 -19.91
N GLU A 61 -7.67 16.58 -19.86
CA GLU A 61 -6.41 17.26 -20.09
C GLU A 61 -6.24 17.67 -21.55
N LYS A 62 -6.49 16.75 -22.48
CA LYS A 62 -6.27 17.02 -23.89
C LYS A 62 -7.13 18.19 -24.37
N TYR A 63 -8.39 18.21 -23.97
CA TYR A 63 -9.35 19.20 -24.43
C TYR A 63 -9.48 20.36 -23.47
N GLN A 64 -8.53 20.48 -22.54
CA GLN A 64 -8.35 21.67 -21.71
C GLN A 64 -9.63 22.05 -20.97
N ARG A 65 -10.26 21.04 -20.40
CA ARG A 65 -11.52 21.26 -19.70
C ARG A 65 -11.26 21.93 -18.36
N ASN A 66 -12.34 22.44 -17.77
CA ASN A 66 -12.27 23.24 -16.56
C ASN A 66 -12.28 22.39 -15.28
N TYR A 67 -12.02 21.10 -15.38
CA TYR A 67 -11.93 20.23 -14.22
C TYR A 67 -10.82 19.21 -14.46
N ARG A 68 -10.37 18.60 -13.35
CA ARG A 68 -9.52 17.43 -13.35
C ARG A 68 -10.13 16.36 -12.45
N PRO A 69 -10.33 15.14 -12.93
CA PRO A 69 -10.81 14.08 -12.04
C PRO A 69 -9.83 13.86 -10.90
N PHE A 70 -10.36 13.60 -9.71
CA PHE A 70 -9.57 13.11 -8.59
C PHE A 70 -10.07 11.68 -8.36
N LEU A 71 -9.21 10.70 -8.66
CA LEU A 71 -9.66 9.31 -8.69
C LEU A 71 -9.66 8.72 -7.29
N LEU A 72 -10.83 8.29 -6.83
CA LEU A 72 -10.98 7.80 -5.46
C LEU A 72 -11.40 6.35 -5.38
N GLY A 73 -11.55 5.67 -6.49
CA GLY A 73 -11.64 4.24 -6.46
C GLY A 73 -10.29 3.55 -6.65
N ALA A 74 -10.22 2.29 -6.22
CA ALA A 74 -9.02 1.46 -6.35
C ALA A 74 -9.47 0.00 -6.30
N PRO A 75 -8.57 -0.94 -6.58
CA PRO A 75 -9.01 -2.34 -6.60
C PRO A 75 -9.58 -2.76 -5.24
N GLY A 76 -10.85 -3.14 -5.25
CA GLY A 76 -11.51 -3.58 -4.05
C GLY A 76 -12.22 -2.52 -3.24
N THR A 77 -12.22 -1.26 -3.68
CA THR A 77 -13.01 -0.24 -3.00
C THR A 77 -14.46 -0.40 -3.43
N GLN A 78 -15.35 -0.64 -2.46
CA GLN A 78 -16.79 -0.72 -2.69
C GLN A 78 -17.49 0.36 -1.88
N SER A 79 -18.80 0.22 -1.61
CA SER A 79 -19.55 1.37 -1.14
C SER A 79 -19.14 1.81 0.27
N LEU A 80 -18.89 0.85 1.17
CA LEU A 80 -18.53 1.19 2.54
C LEU A 80 -17.25 2.00 2.58
N SER A 81 -16.22 1.55 1.85
CA SER A 81 -14.96 2.27 1.84
C SER A 81 -15.14 3.67 1.25
N GLN A 82 -15.90 3.78 0.16
CA GLN A 82 -16.04 5.11 -0.44
C GLN A 82 -16.92 6.02 0.40
N TYR A 83 -17.88 5.46 1.14
CA TYR A 83 -18.58 6.26 2.13
C TYR A 83 -17.62 6.87 3.13
N MET A 84 -16.65 6.08 3.61
CA MET A 84 -15.71 6.60 4.61
C MET A 84 -14.86 7.72 4.02
N MET A 85 -14.50 7.61 2.74
CA MET A 85 -13.81 8.71 2.09
C MET A 85 -14.68 9.95 2.06
N MET A 86 -15.94 9.79 1.63
CA MET A 86 -16.83 10.95 1.50
C MET A 86 -17.06 11.62 2.84
N ARG A 87 -17.39 10.81 3.86
CA ARG A 87 -17.71 11.34 5.19
C ARG A 87 -16.51 12.05 5.80
N SER A 88 -15.31 11.50 5.63
CA SER A 88 -14.12 12.10 6.21
C SER A 88 -13.72 13.38 5.48
N ALA A 89 -14.16 13.55 4.23
CA ALA A 89 -13.94 14.83 3.56
C ALA A 89 -14.82 15.92 4.14
N GLY A 90 -15.92 15.55 4.77
CA GLY A 90 -16.78 16.54 5.40
C GLY A 90 -17.21 17.62 4.44
N ASP A 91 -17.07 18.88 4.89
CA ASP A 91 -17.57 20.02 4.12
C ASP A 91 -16.81 20.22 2.82
N ALA A 92 -15.65 19.60 2.64
CA ALA A 92 -14.93 19.75 1.38
C ALA A 92 -15.76 19.24 0.22
N MET A 93 -16.71 18.34 0.49
CA MET A 93 -17.56 17.80 -0.55
C MET A 93 -18.84 18.59 -0.78
N LYS A 94 -19.13 19.59 0.04
CA LYS A 94 -20.42 20.24 -0.06
C LYS A 94 -20.63 20.81 -1.45
N ASN A 95 -21.78 20.50 -2.05
CA ASN A 95 -22.24 21.08 -3.29
C ASN A 95 -21.42 20.66 -4.51
N LYS A 96 -20.46 19.77 -4.38
CA LYS A 96 -19.68 19.39 -5.54
C LYS A 96 -20.46 18.46 -6.48
N LYS A 97 -20.12 18.55 -7.76
CA LYS A 97 -20.47 17.49 -8.69
C LYS A 97 -19.60 16.26 -8.45
N VAL A 98 -20.20 15.08 -8.69
CA VAL A 98 -19.60 13.79 -8.42
C VAL A 98 -19.90 12.85 -9.58
N VAL A 99 -18.91 12.03 -9.94
CA VAL A 99 -19.10 10.91 -10.85
C VAL A 99 -18.85 9.65 -10.05
N PHE A 100 -19.76 8.70 -10.14
CA PHE A 100 -19.68 7.47 -9.36
C PHE A 100 -19.94 6.29 -10.28
N ILE A 101 -18.97 5.38 -10.37
CA ILE A 101 -19.11 4.18 -11.19
C ILE A 101 -19.56 3.03 -10.29
N ILE A 102 -20.75 2.49 -10.55
CA ILE A 102 -21.33 1.40 -9.76
C ILE A 102 -20.95 0.08 -10.43
N SER A 103 -20.13 -0.75 -9.77
CA SER A 103 -19.80 -2.07 -10.32
C SER A 103 -20.85 -3.10 -9.91
N PRO A 104 -21.52 -3.77 -10.86
CA PRO A 104 -22.47 -4.84 -10.46
C PRO A 104 -21.81 -5.93 -9.59
N GLN A 105 -20.51 -6.20 -9.81
CA GLN A 105 -19.83 -7.29 -9.13
C GLN A 105 -19.65 -7.02 -7.64
N TRP A 106 -19.81 -5.78 -7.21
CA TRP A 106 -19.76 -5.53 -5.78
C TRP A 106 -20.90 -6.22 -5.04
N PHE A 107 -22.01 -6.44 -5.72
CA PHE A 107 -23.28 -6.79 -5.08
C PHE A 107 -23.46 -8.29 -4.95
N VAL A 108 -22.44 -8.93 -4.40
CA VAL A 108 -22.48 -10.36 -4.17
C VAL A 108 -23.21 -10.68 -2.86
N LYS A 109 -23.62 -11.95 -2.74
CA LYS A 109 -24.53 -12.37 -1.66
C LYS A 109 -24.03 -11.96 -0.29
N ASN A 110 -22.73 -12.11 -0.04
CA ASN A 110 -22.18 -11.81 1.28
C ASN A 110 -21.56 -10.43 1.38
N GLY A 111 -21.62 -9.64 0.30
CA GLY A 111 -21.07 -8.29 0.31
C GLY A 111 -19.56 -8.25 0.20
N VAL A 112 -19.03 -7.05 0.48
CA VAL A 112 -17.60 -6.80 0.31
C VAL A 112 -16.80 -7.83 1.08
N LYS A 113 -15.83 -8.42 0.39
CA LYS A 113 -14.94 -9.39 1.02
C LYS A 113 -14.18 -8.74 2.16
N THR A 114 -13.97 -9.52 3.23
CA THR A 114 -13.21 -9.03 4.37
C THR A 114 -11.85 -8.52 3.93
N ASP A 115 -11.20 -9.23 3.01
CA ASP A 115 -9.89 -8.82 2.55
C ASP A 115 -9.90 -7.43 1.93
N TYR A 116 -10.98 -7.07 1.24
CA TYR A 116 -11.09 -5.75 0.63
C TYR A 116 -11.34 -4.69 1.70
N PHE A 117 -12.27 -4.97 2.63
CA PHE A 117 -12.53 -4.04 3.70
C PHE A 117 -11.25 -3.71 4.46
N ASN A 118 -10.47 -4.76 4.77
CA ASN A 118 -9.26 -4.58 5.58
C ASN A 118 -8.23 -3.70 4.87
N THR A 119 -8.13 -3.82 3.54
CA THR A 119 -7.12 -3.04 2.82
C THR A 119 -7.36 -1.54 2.98
N TYR A 120 -8.62 -1.10 2.95
CA TYR A 120 -8.94 0.31 2.97
C TYR A 120 -9.44 0.80 4.31
N TYR A 121 -9.65 -0.08 5.29
CA TYR A 121 -10.10 0.35 6.60
C TYR A 121 -9.14 1.39 7.15
N SER A 122 -9.68 2.56 7.51
CA SER A 122 -8.90 3.71 7.95
C SER A 122 -9.39 4.09 9.33
N GLU A 123 -8.54 3.90 10.35
CA GLU A 123 -8.88 4.38 11.68
C GLU A 123 -9.10 5.89 11.66
N LEU A 124 -8.28 6.61 10.88
CA LEU A 124 -8.39 8.07 10.81
C LEU A 124 -9.78 8.47 10.36
N GLN A 125 -10.27 7.86 9.28
CA GLN A 125 -11.56 8.24 8.73
C GLN A 125 -12.70 7.75 9.61
N THR A 126 -12.52 6.59 10.26
CA THR A 126 -13.52 6.11 11.21
C THR A 126 -13.66 7.08 12.38
N TYR A 127 -12.51 7.51 12.94
CA TYR A 127 -12.56 8.46 14.05
C TYR A 127 -13.08 9.81 13.57
N ASP A 128 -12.72 10.22 12.36
CA ASP A 128 -13.29 11.43 11.78
C ASP A 128 -14.82 11.39 11.89
N TRP A 129 -15.41 10.26 11.50
CA TRP A 129 -16.86 10.12 11.55
C TRP A 129 -17.38 10.23 12.97
N LEU A 130 -16.76 9.48 13.89
CA LEU A 130 -17.24 9.48 15.27
C LEU A 130 -17.21 10.87 15.87
N PHE A 131 -16.12 11.63 15.66
CA PHE A 131 -16.02 12.97 16.21
C PHE A 131 -16.90 13.97 15.48
N SER A 132 -17.38 13.61 14.28
CA SER A 132 -18.26 14.46 13.50
C SER A 132 -19.73 14.34 13.91
N MET A 133 -20.10 13.21 14.53
CA MET A 133 -21.49 12.93 14.82
C MET A 133 -22.03 13.86 15.89
N LYS A 134 -23.12 14.55 15.58
CA LYS A 134 -23.85 15.33 16.57
C LYS A 134 -25.14 14.65 17.00
N LYS A 135 -25.67 13.76 16.19
CA LYS A 135 -26.80 12.92 16.55
C LYS A 135 -26.63 11.60 15.82
N VAL A 136 -27.35 10.59 16.27
CA VAL A 136 -27.28 9.26 15.69
C VAL A 136 -28.42 9.12 14.70
N THR A 137 -28.08 9.00 13.43
CA THR A 137 -29.06 8.76 12.38
C THR A 137 -29.10 7.28 12.04
N PRO A 138 -30.12 6.84 11.31
CA PRO A 138 -30.12 5.43 10.89
C PRO A 138 -28.89 5.05 10.11
N ALA A 139 -28.32 5.97 9.32
CA ALA A 139 -27.07 5.69 8.63
C ALA A 139 -25.96 5.33 9.61
N ASP A 140 -25.85 6.11 10.71
CA ASP A 140 -24.81 5.86 11.69
C ASP A 140 -25.00 4.50 12.36
N ARG A 141 -26.27 4.15 12.65
CA ARG A 141 -26.55 2.87 13.28
C ARG A 141 -26.20 1.72 12.36
N TYR A 142 -26.51 1.88 11.06
CA TYR A 142 -26.19 0.83 10.11
C TYR A 142 -24.68 0.66 9.98
N LEU A 143 -23.95 1.76 9.82
CA LEU A 143 -22.50 1.66 9.71
C LEU A 143 -21.90 1.01 10.95
N ALA A 144 -22.37 1.37 12.15
CA ALA A 144 -21.83 0.76 13.35
C ALA A 144 -22.09 -0.74 13.35
N ARG A 145 -23.30 -1.14 12.94
CA ARG A 145 -23.64 -2.55 12.85
C ARG A 145 -22.71 -3.27 11.88
N ARG A 146 -22.41 -2.64 10.75
CA ARG A 146 -21.55 -3.28 9.78
C ARG A 146 -20.12 -3.38 10.30
N LEU A 147 -19.59 -2.28 10.82
CA LEU A 147 -18.22 -2.29 11.28
C LEU A 147 -17.98 -3.33 12.34
N LEU A 148 -18.99 -3.58 13.20
CA LEU A 148 -18.85 -4.54 14.27
C LEU A 148 -18.78 -5.99 13.80
N THR A 149 -18.95 -6.24 12.49
CA THR A 149 -18.84 -7.59 11.95
C THR A 149 -17.43 -7.90 11.44
N PHE A 150 -16.55 -6.91 11.39
CA PHE A 150 -15.21 -7.09 10.85
C PHE A 150 -14.21 -7.23 11.98
N SER A 151 -13.42 -8.30 11.94
CA SER A 151 -12.50 -8.58 13.04
C SER A 151 -11.48 -7.47 13.23
N LYS A 152 -11.04 -6.82 12.16
CA LYS A 152 -10.06 -5.76 12.31
C LYS A 152 -10.59 -4.64 13.18
N VAL A 153 -11.90 -4.36 13.11
CA VAL A 153 -12.50 -3.36 13.97
C VAL A 153 -12.55 -3.86 15.41
N LYS A 154 -12.90 -5.14 15.59
CA LYS A 154 -13.01 -5.74 16.91
C LYS A 154 -11.68 -5.80 17.66
N GLU A 155 -10.56 -5.72 16.94
CA GLU A 155 -9.27 -5.66 17.61
C GLU A 155 -9.18 -4.48 18.56
N ASN A 156 -9.98 -3.45 18.32
CA ASN A 156 -9.92 -2.18 19.04
C ASN A 156 -11.09 -2.15 20.02
N ASP A 157 -10.79 -2.42 21.30
CA ASP A 157 -11.86 -2.58 22.29
C ASP A 157 -12.53 -1.25 22.62
N THR A 158 -11.77 -0.16 22.69
CA THR A 158 -12.37 1.14 22.94
C THR A 158 -13.33 1.52 21.82
N LEU A 159 -12.91 1.37 20.57
CA LEU A 159 -13.80 1.67 19.46
C LEU A 159 -15.02 0.76 19.45
N THR A 160 -14.82 -0.53 19.74
CA THR A 160 -15.93 -1.47 19.71
C THR A 160 -17.04 -1.07 20.68
N ALA A 161 -16.67 -0.65 21.88
CA ALA A 161 -17.69 -0.26 22.85
C ALA A 161 -18.43 0.98 22.38
N ILE A 162 -17.72 1.91 21.74
CA ILE A 162 -18.37 3.09 21.19
C ILE A 162 -19.34 2.68 20.08
N LEU A 163 -18.92 1.75 19.21
CA LEU A 163 -19.82 1.34 18.14
C LEU A 163 -21.04 0.62 18.69
N GLN A 164 -20.89 -0.16 19.76
CA GLN A 164 -22.06 -0.78 20.40
C GLN A 164 -23.06 0.26 20.90
N THR A 165 -22.56 1.38 21.45
CA THR A 165 -23.44 2.46 21.88
C THR A 165 -24.23 3.03 20.72
N ILE A 166 -23.55 3.30 19.60
CA ILE A 166 -24.21 3.85 18.41
C ILE A 166 -25.20 2.86 17.83
N LYS A 167 -24.82 1.58 17.79
CA LYS A 167 -25.73 0.56 17.27
C LYS A 167 -27.06 0.57 18.01
N LYS A 168 -27.02 0.79 19.33
CA LYS A 168 -28.22 0.88 20.14
C LYS A 168 -28.96 2.20 19.99
N GLY A 169 -28.45 3.11 19.17
CA GLY A 169 -29.12 4.36 18.88
C GLY A 169 -28.74 5.52 19.77
N LYS A 170 -27.68 5.38 20.56
CA LYS A 170 -27.31 6.38 21.55
C LYS A 170 -26.03 7.09 21.14
N LEU A 171 -25.99 8.36 21.41
CA LEU A 171 -24.80 9.14 21.07
C LEU A 171 -23.72 8.88 22.11
N PRO A 172 -22.51 8.51 21.69
CA PRO A 172 -21.43 8.31 22.66
C PRO A 172 -21.16 9.58 23.46
N LEU A 173 -20.85 9.41 24.73
CA LEU A 173 -20.50 10.57 25.55
C LEU A 173 -19.18 11.18 25.09
N PRO A 174 -19.02 12.51 25.23
CA PRO A 174 -17.72 13.11 24.91
C PRO A 174 -16.58 12.47 25.66
N GLU A 175 -16.80 12.10 26.92
CA GLU A 175 -15.74 11.49 27.71
C GLU A 175 -15.36 10.13 27.14
N SER A 176 -16.33 9.44 26.51
CA SER A 176 -16.07 8.17 25.88
C SER A 176 -15.26 8.33 24.60
N LEU A 177 -15.70 9.24 23.71
CA LEU A 177 -14.93 9.48 22.50
C LEU A 177 -13.54 10.02 22.82
N ASN A 178 -13.42 10.78 23.91
CA ASN A 178 -12.13 11.39 24.22
C ASN A 178 -11.03 10.35 24.43
N GLN A 179 -11.41 9.10 24.71
CA GLN A 179 -10.42 8.05 24.87
C GLN A 179 -9.69 7.75 23.57
N LEU A 180 -10.27 8.14 22.43
CA LEU A 180 -9.67 7.98 21.12
C LEU A 180 -8.94 9.23 20.64
N ARG A 181 -9.05 10.34 21.38
CA ARG A 181 -8.62 11.61 20.82
C ARG A 181 -7.11 11.68 20.64
N SER A 182 -6.35 11.12 21.59
CA SER A 182 -4.90 11.13 21.45
C SER A 182 -4.46 10.38 20.20
N GLN A 183 -5.00 9.17 19.99
CA GLN A 183 -4.70 8.42 18.79
C GLN A 183 -5.15 9.17 17.53
N TRP A 184 -6.33 9.77 17.58
CA TRP A 184 -6.83 10.52 16.42
C TRP A 184 -5.86 11.62 16.03
N ASN A 185 -5.41 12.41 17.02
CA ASN A 185 -4.52 13.53 16.72
C ASN A 185 -3.22 13.03 16.12
N MET A 186 -2.70 11.93 16.65
CA MET A 186 -1.49 11.32 16.11
C MET A 186 -1.68 10.95 14.65
N LEU A 187 -2.81 10.30 14.34
CA LEU A 187 -3.09 9.91 12.96
C LEU A 187 -3.21 11.14 12.05
N LYS A 188 -3.77 12.24 12.58
CA LYS A 188 -3.90 13.45 11.78
C LYS A 188 -2.55 14.07 11.46
N ARG A 189 -1.66 14.16 12.46
CA ARG A 189 -0.33 14.70 12.22
C ARG A 189 0.45 13.86 11.22
N GLU A 190 0.42 12.53 11.38
CA GLU A 190 1.11 11.66 10.45
C GLU A 190 0.58 11.83 9.03
N ASP A 191 -0.74 11.97 8.89
CA ASP A 191 -1.35 12.17 7.58
C ASP A 191 -0.90 13.50 6.97
N GLU A 192 -0.83 14.55 7.78
CA GLU A 192 -0.40 15.85 7.27
C GLU A 192 1.05 15.82 6.77
N VAL A 193 1.89 14.99 7.39
CA VAL A 193 3.31 14.97 7.07
C VAL A 193 3.65 13.85 6.09
N PHE A 194 2.99 12.70 6.19
CA PHE A 194 3.28 11.58 5.31
C PHE A 194 2.04 11.24 4.48
N ASP A 201 2.61 7.80 -9.64
CA ASP A 201 2.54 8.87 -10.63
C ASP A 201 2.08 8.35 -12.00
N ARG A 202 0.84 8.67 -12.36
CA ARG A 202 0.30 8.32 -13.66
C ARG A 202 0.23 9.50 -14.62
N GLN A 203 0.77 10.65 -14.23
CA GLN A 203 0.64 11.84 -15.09
C GLN A 203 1.40 11.67 -16.40
N GLN A 204 2.53 10.96 -16.40
CA GLN A 204 3.26 10.78 -17.64
C GLN A 204 2.49 9.88 -18.60
N LYS A 205 1.80 8.88 -18.07
CA LYS A 205 0.97 8.04 -18.94
C LYS A 205 -0.22 8.81 -19.48
N ILE A 206 -0.87 9.62 -18.63
CA ILE A 206 -1.95 10.49 -19.09
C ILE A 206 -1.48 11.41 -20.20
N ASP A 207 -0.30 12.02 -20.04
CA ASP A 207 0.22 12.89 -21.09
C ASP A 207 0.50 12.11 -22.37
N HIS A 208 1.12 10.94 -22.25
CA HIS A 208 1.40 10.11 -23.42
C HIS A 208 0.12 9.79 -24.18
N GLU A 209 -0.89 9.24 -23.49
CA GLU A 209 -2.12 8.87 -24.16
C GLU A 209 -2.80 10.08 -24.79
N SER A 210 -2.63 11.28 -24.21
CA SER A 210 -3.30 12.44 -24.77
C SER A 210 -2.78 12.76 -26.17
N LYS A 211 -1.50 12.48 -26.44
CA LYS A 211 -0.92 12.78 -27.75
C LYS A 211 -1.55 11.95 -28.87
N ARG A 212 -2.27 10.88 -28.54
CA ARG A 212 -2.87 10.04 -29.55
C ARG A 212 -4.21 10.57 -30.04
N LEU A 213 -4.73 11.62 -29.42
CA LEU A 213 -6.06 12.12 -29.71
C LEU A 213 -6.04 13.25 -30.72
N PRO A 214 -7.16 13.48 -31.42
CA PRO A 214 -7.22 14.62 -32.34
C PRO A 214 -7.22 15.94 -31.59
N LYS A 215 -6.67 16.97 -32.25
CA LYS A 215 -6.60 18.30 -31.64
C LYS A 215 -7.97 18.79 -31.23
N GLN A 216 -8.98 18.54 -32.05
CA GLN A 216 -10.34 18.97 -31.80
C GLN A 216 -11.17 17.76 -31.42
N TYR A 217 -12.02 17.92 -30.41
CA TYR A 217 -12.88 16.83 -29.99
C TYR A 217 -13.93 16.58 -31.05
N GLN A 218 -14.05 15.32 -31.48
CA GLN A 218 -15.02 14.91 -32.49
C GLN A 218 -15.36 13.47 -32.13
N GLU A 219 -16.59 13.25 -31.65
CA GLU A 219 -16.91 11.94 -31.06
C GLU A 219 -16.70 10.80 -32.04
N THR A 220 -16.99 10.99 -33.33
CA THR A 220 -16.88 9.87 -34.27
C THR A 220 -15.42 9.57 -34.61
N GLU A 221 -14.59 10.60 -34.80
CA GLU A 221 -13.16 10.36 -34.91
C GLU A 221 -12.66 9.58 -33.70
N LEU A 222 -13.12 9.98 -32.51
CA LEU A 222 -12.71 9.29 -31.29
C LEU A 222 -13.21 7.85 -31.27
N SER A 223 -14.46 7.62 -31.70
CA SER A 223 -15.00 6.27 -31.76
C SER A 223 -14.20 5.39 -32.71
N ILE A 224 -13.86 5.93 -33.89
CA ILE A 224 -13.06 5.19 -34.85
C ILE A 224 -11.72 4.81 -34.24
N LEU A 225 -11.09 5.74 -33.52
CA LEU A 225 -9.81 5.46 -32.89
C LEU A 225 -9.97 4.41 -31.80
N ALA A 226 -11.05 4.51 -31.01
CA ALA A 226 -11.28 3.52 -29.95
C ALA A 226 -11.46 2.12 -30.54
N ASN A 227 -12.18 2.03 -31.66
CA ASN A 227 -12.35 0.74 -32.32
C ASN A 227 -11.04 0.23 -32.88
N GLN A 228 -10.20 1.13 -33.42
CA GLN A 228 -8.92 0.68 -33.94
C GLN A 228 -8.02 0.16 -32.83
N ILE A 229 -7.94 0.89 -31.72
CA ILE A 229 -7.10 0.45 -30.61
C ILE A 229 -7.65 -0.83 -30.01
N GLY A 230 -8.97 -0.89 -29.79
CA GLY A 230 -9.56 -2.11 -29.25
C GLY A 230 -9.26 -3.32 -30.11
N GLU A 231 -9.42 -3.17 -31.42
CA GLU A 231 -9.18 -4.31 -32.31
C GLU A 231 -7.72 -4.78 -32.18
N ARG A 232 -6.78 -3.83 -32.18
CA ARG A 232 -5.36 -4.17 -32.14
C ARG A 232 -4.96 -4.80 -30.81
N GLU A 233 -5.67 -4.47 -29.73
CA GLU A 233 -5.26 -4.88 -28.40
C GLU A 233 -6.00 -6.11 -27.88
N THR A 234 -6.81 -6.76 -28.72
CA THR A 234 -7.62 -7.90 -28.31
C THR A 234 -7.50 -9.04 -29.32
N THR A 235 -6.30 -9.25 -29.85
CA THR A 235 -6.13 -10.21 -30.93
C THR A 235 -5.83 -11.63 -30.46
N ASN A 236 -5.65 -11.89 -29.16
CA ASN A 236 -5.13 -13.20 -28.74
C ASN A 236 -6.17 -14.11 -28.09
N ASN A 237 -7.46 -13.84 -28.30
CA ASN A 237 -8.50 -14.62 -27.67
C ASN A 237 -9.82 -14.36 -28.39
N PRO A 238 -10.82 -15.17 -28.15
CA PRO A 238 -12.10 -15.00 -28.86
C PRO A 238 -13.10 -14.10 -28.16
N PHE A 239 -12.72 -13.47 -27.05
CA PHE A 239 -13.68 -12.85 -26.16
C PHE A 239 -13.63 -11.33 -26.16
N GLY A 240 -12.74 -10.73 -26.93
CA GLY A 240 -12.61 -9.29 -26.89
C GLY A 240 -11.89 -8.76 -25.68
N LEU A 241 -11.08 -9.59 -25.03
CA LEU A 241 -10.34 -9.20 -23.83
C LEU A 241 -8.97 -8.66 -24.22
N LYS A 242 -8.50 -7.66 -23.50
CA LYS A 242 -7.17 -7.15 -23.75
C LYS A 242 -6.15 -8.28 -23.63
N ASN A 243 -5.23 -8.35 -24.60
CA ASN A 243 -4.28 -9.47 -24.67
C ASN A 243 -3.60 -9.78 -23.34
N ASP A 244 -3.03 -8.78 -22.66
CA ASP A 244 -2.27 -9.12 -21.45
C ASP A 244 -3.18 -9.62 -20.34
N PHE A 245 -4.41 -9.13 -20.28
CA PHE A 245 -5.37 -9.64 -19.30
C PHE A 245 -5.69 -11.09 -19.59
N TYR A 246 -5.94 -11.42 -20.85
CA TYR A 246 -6.24 -12.80 -21.19
C TYR A 246 -5.07 -13.71 -20.82
N THR A 247 -3.85 -13.31 -21.21
CA THR A 247 -2.68 -14.15 -20.97
C THR A 247 -2.45 -14.37 -19.48
N HIS A 248 -2.53 -13.31 -18.68
CA HIS A 248 -2.15 -13.40 -17.28
C HIS A 248 -3.27 -13.86 -16.36
N ARG A 249 -4.53 -13.67 -16.75
CA ARG A 249 -5.63 -13.94 -15.83
C ARG A 249 -6.58 -15.03 -16.29
N ILE A 250 -6.64 -15.36 -17.58
CA ILE A 250 -7.67 -16.24 -18.13
C ILE A 250 -7.07 -17.53 -18.69
N ARG A 251 -6.01 -17.41 -19.50
CA ARG A 251 -5.58 -18.53 -20.33
C ARG A 251 -5.34 -19.80 -19.54
N ALA A 252 -4.69 -19.69 -18.37
CA ALA A 252 -4.32 -20.90 -17.64
C ALA A 252 -5.53 -21.69 -17.17
N HIS A 253 -6.66 -21.02 -16.97
CA HIS A 253 -7.87 -21.64 -16.44
C HIS A 253 -9.02 -21.61 -17.45
N GLU A 254 -8.74 -21.33 -18.71
CA GLU A 254 -9.83 -20.96 -19.61
C GLU A 254 -10.85 -22.09 -19.79
N PRO A 255 -10.47 -23.36 -19.89
CA PRO A 255 -11.51 -24.41 -19.98
C PRO A 255 -12.44 -24.47 -18.79
N GLU A 256 -11.88 -24.37 -17.58
CA GLU A 256 -12.64 -24.47 -16.35
C GLU A 256 -13.59 -23.31 -16.16
N LEU A 257 -13.36 -22.19 -16.84
CA LEU A 257 -14.22 -21.03 -16.67
C LEU A 257 -15.51 -21.16 -17.45
N LYS A 258 -15.61 -22.11 -18.38
CA LYS A 258 -16.85 -22.27 -19.13
C LYS A 258 -17.98 -22.64 -18.19
N GLN A 259 -19.08 -21.89 -18.29
CA GLN A 259 -20.29 -22.07 -17.49
C GLN A 259 -20.06 -21.85 -15.99
N SER A 260 -18.91 -21.31 -15.59
CA SER A 260 -18.56 -21.21 -14.19
C SER A 260 -19.41 -20.19 -13.44
N GLN A 261 -20.09 -19.28 -14.16
CA GLN A 261 -20.86 -18.20 -13.57
C GLN A 261 -22.36 -18.37 -13.81
N LYS A 262 -22.80 -19.56 -14.20
CA LYS A 262 -24.21 -19.72 -14.58
C LYS A 262 -25.17 -19.41 -13.42
N ASN A 263 -24.74 -19.59 -12.18
CA ASN A 263 -25.63 -19.35 -11.05
C ASN A 263 -25.28 -18.10 -10.27
N TRP A 264 -24.38 -17.27 -10.79
CA TRP A 264 -23.99 -16.04 -10.10
C TRP A 264 -25.12 -15.02 -10.15
N ASP A 265 -25.29 -14.29 -9.05
CA ASP A 265 -26.44 -13.41 -8.87
C ASP A 265 -25.95 -12.19 -8.12
N TYR A 266 -26.18 -11.00 -8.69
CA TYR A 266 -25.82 -9.73 -8.06
C TYR A 266 -27.05 -8.94 -7.59
N ARG A 267 -28.19 -9.61 -7.45
CA ARG A 267 -29.41 -8.89 -7.12
C ARG A 267 -29.66 -8.82 -5.62
N PHE A 268 -28.90 -9.58 -4.82
CA PHE A 268 -29.15 -9.70 -3.37
C PHE A 268 -27.84 -9.49 -2.64
N SER A 269 -27.76 -8.46 -1.78
CA SER A 269 -26.46 -8.20 -1.18
C SER A 269 -26.54 -7.18 -0.06
N PRO A 270 -25.69 -7.30 0.98
CA PRO A 270 -25.49 -6.16 1.89
C PRO A 270 -25.01 -4.92 1.18
N GLU A 271 -24.39 -5.07 0.00
CA GLU A 271 -23.87 -3.91 -0.71
C GLU A 271 -24.95 -2.89 -1.04
N PHE A 272 -26.21 -3.32 -1.22
CA PHE A 272 -27.27 -2.36 -1.48
C PHE A 272 -27.42 -1.41 -0.31
N SER A 273 -27.24 -1.90 0.91
CA SER A 273 -27.33 -1.06 2.10
C SER A 273 -26.05 -0.29 2.36
N ASP A 274 -24.87 -0.87 2.06
CA ASP A 274 -23.64 -0.08 2.07
C ASP A 274 -23.74 1.08 1.07
N PHE A 275 -24.31 0.80 -0.11
CA PHE A 275 -24.52 1.84 -1.11
C PHE A 275 -25.45 2.92 -0.60
N GLN A 276 -26.44 2.54 0.22
CA GLN A 276 -27.33 3.53 0.81
C GLN A 276 -26.56 4.54 1.67
N LEU A 277 -25.48 4.10 2.31
CA LEU A 277 -24.65 5.05 3.06
C LEU A 277 -24.11 6.13 2.13
N VAL A 278 -23.57 5.72 0.97
CA VAL A 278 -23.10 6.68 -0.02
C VAL A 278 -24.19 7.66 -0.40
N LEU A 279 -25.40 7.16 -0.71
CA LEU A 279 -26.51 8.04 -1.08
C LEU A 279 -26.89 9.00 0.05
N ASP A 280 -26.89 8.50 1.28
CA ASP A 280 -27.17 9.35 2.44
C ASP A 280 -26.22 10.53 2.47
N GLN A 281 -24.93 10.28 2.32
CA GLN A 281 -23.95 11.35 2.41
C GLN A 281 -24.00 12.26 1.19
N LEU A 282 -24.19 11.72 -0.01
CA LEU A 282 -24.31 12.55 -1.20
C LEU A 282 -25.48 13.49 -1.06
N ALA A 283 -26.58 13.00 -0.50
CA ALA A 283 -27.77 13.84 -0.36
C ALA A 283 -27.54 14.91 0.69
N LYS A 284 -26.92 14.54 1.82
CA LYS A 284 -26.69 15.51 2.90
C LYS A 284 -25.74 16.62 2.45
N ASN A 285 -24.80 16.31 1.55
CA ASN A 285 -23.88 17.29 1.00
C ASN A 285 -24.47 18.08 -0.17
N HIS A 286 -25.69 17.78 -0.60
CA HIS A 286 -26.27 18.39 -1.79
C HIS A 286 -25.37 18.22 -3.02
N ASN A 287 -24.77 17.04 -3.16
CA ASN A 287 -23.99 16.74 -4.33
C ASN A 287 -24.93 16.45 -5.50
N GLU A 288 -24.57 16.94 -6.68
CA GLU A 288 -25.18 16.46 -7.91
C GLU A 288 -24.28 15.35 -8.43
N VAL A 289 -24.88 14.23 -8.82
CA VAL A 289 -24.10 13.04 -9.12
C VAL A 289 -24.52 12.47 -10.46
N LEU A 290 -23.53 12.02 -11.24
CA LEU A 290 -23.74 11.14 -12.39
C LEU A 290 -23.28 9.75 -12.00
N PHE A 291 -24.21 8.80 -12.00
CA PHE A 291 -23.91 7.39 -11.77
C PHE A 291 -23.76 6.69 -13.12
N ILE A 292 -22.77 5.81 -13.22
CA ILE A 292 -22.49 5.03 -14.42
C ILE A 292 -22.55 3.55 -14.04
N ILE A 293 -23.32 2.77 -14.81
CA ILE A 293 -23.48 1.34 -14.61
C ILE A 293 -22.92 0.63 -15.84
N PRO A 294 -21.77 -0.01 -15.74
CA PRO A 294 -21.17 -0.66 -16.90
C PRO A 294 -21.80 -2.01 -17.15
N PRO A 295 -21.68 -2.51 -18.37
CA PRO A 295 -22.13 -3.86 -18.70
C PRO A 295 -21.04 -4.88 -18.36
N VAL A 296 -21.34 -6.13 -18.65
CA VAL A 296 -20.35 -7.19 -18.74
C VAL A 296 -20.27 -7.62 -20.19
N ASN A 297 -19.06 -7.68 -20.73
CA ASN A 297 -18.76 -8.14 -22.09
C ASN A 297 -19.58 -9.38 -22.42
N GLU A 298 -20.44 -9.25 -23.45
CA GLU A 298 -21.34 -10.35 -23.77
C GLU A 298 -20.62 -11.58 -24.32
N LYS A 299 -19.49 -11.39 -25.02
CA LYS A 299 -18.75 -12.56 -25.47
C LYS A 299 -18.26 -13.36 -24.28
N TRP A 300 -17.89 -12.67 -23.20
CA TRP A 300 -17.44 -13.33 -21.99
C TRP A 300 -18.59 -13.95 -21.21
N SER A 301 -19.70 -13.22 -21.03
CA SER A 301 -20.82 -13.82 -20.32
C SER A 301 -21.43 -14.98 -21.10
N ASP A 302 -21.39 -14.93 -22.43
CA ASP A 302 -21.81 -16.09 -23.21
C ASP A 302 -21.01 -17.33 -22.81
N TYR A 303 -19.71 -17.15 -22.59
CA TYR A 303 -18.84 -18.26 -22.25
C TYR A 303 -19.03 -18.72 -20.81
N THR A 304 -19.06 -17.78 -19.85
CA THR A 304 -19.13 -18.16 -18.46
C THR A 304 -20.55 -18.51 -18.01
N GLY A 305 -21.55 -18.12 -18.79
CA GLY A 305 -22.94 -18.33 -18.43
C GLY A 305 -23.54 -17.28 -17.54
N LEU A 306 -22.79 -16.25 -17.16
CA LEU A 306 -23.35 -15.16 -16.38
C LEU A 306 -24.56 -14.60 -17.12
N SER A 307 -25.66 -14.43 -16.39
CA SER A 307 -26.93 -14.06 -17.01
C SER A 307 -27.03 -12.55 -17.23
N GLN A 308 -27.21 -12.16 -18.49
CA GLN A 308 -27.47 -10.76 -18.81
C GLN A 308 -28.85 -10.32 -18.29
N GLU A 309 -29.84 -11.22 -18.30
CA GLU A 309 -31.13 -10.91 -17.70
C GLU A 309 -30.96 -10.59 -16.22
N MET A 310 -30.11 -11.35 -15.54
CA MET A 310 -29.83 -11.05 -14.13
C MET A 310 -29.20 -9.67 -13.98
N LEU A 311 -28.26 -9.32 -14.86
CA LEU A 311 -27.64 -8.01 -14.77
C LEU A 311 -28.65 -6.88 -15.01
N GLN A 312 -29.59 -7.12 -15.91
CA GLN A 312 -30.67 -6.16 -16.13
C GLN A 312 -31.53 -6.01 -14.88
N GLY A 313 -31.74 -7.10 -14.14
CA GLY A 313 -32.44 -7.02 -12.87
C GLY A 313 -31.66 -6.26 -11.82
N PHE A 314 -30.34 -6.49 -11.76
CA PHE A 314 -29.51 -5.67 -10.88
C PHE A 314 -29.71 -4.18 -11.20
N ALA A 315 -29.65 -3.83 -12.49
CA ALA A 315 -29.77 -2.44 -12.88
C ALA A 315 -31.14 -1.89 -12.51
N LYS A 316 -32.20 -2.69 -12.72
CA LYS A 316 -33.53 -2.25 -12.31
C LYS A 316 -33.58 -1.94 -10.83
N LYS A 317 -32.98 -2.81 -10.01
CA LYS A 317 -33.01 -2.65 -8.57
C LYS A 317 -32.22 -1.42 -8.13
N ILE A 318 -31.01 -1.23 -8.67
CA ILE A 318 -30.21 -0.08 -8.26
C ILE A 318 -30.83 1.23 -8.75
N LYS A 319 -31.45 1.20 -9.93
CA LYS A 319 -32.12 2.40 -10.45
C LYS A 319 -33.37 2.73 -9.64
N PHE A 320 -34.08 1.73 -9.15
CA PHE A 320 -35.18 2.01 -8.21
C PHE A 320 -34.66 2.71 -6.97
N GLN A 321 -33.55 2.22 -6.41
CA GLN A 321 -33.01 2.83 -5.19
C GLN A 321 -32.59 4.28 -5.46
N LEU A 322 -31.99 4.52 -6.63
CA LEU A 322 -31.54 5.85 -6.99
C LEU A 322 -32.72 6.76 -7.29
N ASN A 323 -33.56 6.37 -8.24
CA ASN A 323 -34.64 7.23 -8.71
C ASN A 323 -35.67 7.50 -7.61
N SER A 324 -35.98 6.51 -6.79
CA SER A 324 -36.99 6.70 -5.76
C SER A 324 -36.57 7.77 -4.76
N GLN A 325 -35.28 8.05 -4.67
CA GLN A 325 -34.77 9.02 -3.71
C GLN A 325 -34.30 10.31 -4.37
N GLY A 326 -34.48 10.45 -5.68
CA GLY A 326 -34.19 11.69 -6.36
C GLY A 326 -32.90 11.72 -7.14
N PHE A 327 -32.15 10.63 -7.19
CA PHE A 327 -30.94 10.52 -7.99
C PHE A 327 -31.37 10.04 -9.37
N ASN A 328 -31.50 10.98 -10.32
CA ASN A 328 -32.08 10.66 -11.61
C ASN A 328 -31.10 10.82 -12.77
N ARG A 329 -29.83 11.06 -12.46
CA ARG A 329 -28.79 11.28 -13.48
C ARG A 329 -27.93 10.02 -13.51
N ILE A 330 -28.23 9.14 -14.45
CA ILE A 330 -27.71 7.79 -14.47
C ILE A 330 -27.39 7.44 -15.92
N ALA A 331 -26.16 7.02 -16.17
CA ALA A 331 -25.75 6.48 -17.45
C ALA A 331 -25.74 4.97 -17.30
N ASP A 332 -26.80 4.32 -17.72
CA ASP A 332 -26.96 2.87 -17.59
C ASP A 332 -26.51 2.25 -18.91
N PHE A 333 -25.34 1.61 -18.88
CA PHE A 333 -24.77 0.98 -20.07
C PHE A 333 -24.89 -0.55 -20.07
N VAL A 334 -25.75 -1.12 -19.23
CA VAL A 334 -25.89 -2.57 -19.17
C VAL A 334 -26.24 -3.12 -20.55
N ASN A 335 -27.01 -2.36 -21.32
CA ASN A 335 -27.41 -2.82 -22.64
C ASN A 335 -26.32 -2.67 -23.71
N GLN A 336 -25.11 -2.27 -23.32
CA GLN A 336 -23.97 -2.18 -24.23
C GLN A 336 -23.07 -3.40 -24.15
N ALA A 337 -23.56 -4.48 -23.53
CA ALA A 337 -22.78 -5.70 -23.39
C ALA A 337 -22.24 -6.22 -24.71
N GLY A 338 -23.00 -6.09 -25.79
CA GLY A 338 -22.60 -6.53 -27.12
C GLY A 338 -21.79 -5.57 -27.94
N THR A 339 -21.47 -4.39 -27.41
CA THR A 339 -20.70 -3.39 -28.13
C THR A 339 -19.22 -3.74 -28.04
N ASN A 340 -18.62 -4.09 -29.18
CA ASN A 340 -17.21 -4.44 -29.14
C ASN A 340 -16.39 -3.32 -28.54
N TYR A 341 -15.43 -3.71 -27.71
CA TYR A 341 -14.43 -2.81 -27.14
C TYR A 341 -15.02 -1.85 -26.13
N PHE A 342 -16.25 -2.08 -25.67
CA PHE A 342 -16.82 -1.26 -24.61
C PHE A 342 -16.05 -1.46 -23.31
N MET A 343 -15.75 -2.71 -22.99
CA MET A 343 -14.95 -3.08 -21.81
C MET A 343 -13.56 -3.50 -22.26
N GLU A 344 -12.58 -3.20 -21.41
CA GLU A 344 -11.20 -3.63 -21.64
C GLU A 344 -11.03 -5.11 -21.36
N ASP A 345 -11.80 -5.64 -20.41
CA ASP A 345 -11.66 -7.03 -20.00
C ASP A 345 -13.01 -7.50 -19.48
N THR A 346 -13.01 -8.34 -18.44
CA THR A 346 -14.26 -8.92 -17.98
C THR A 346 -15.07 -8.02 -17.06
N ILE A 347 -14.51 -6.93 -16.56
CA ILE A 347 -15.32 -6.15 -15.65
C ILE A 347 -15.06 -4.65 -15.78
N HIS A 348 -13.98 -4.29 -16.46
CA HIS A 348 -13.50 -2.91 -16.43
C HIS A 348 -13.82 -2.17 -17.73
N LEU A 349 -14.39 -0.97 -17.58
CA LEU A 349 -14.62 -0.11 -18.73
C LEU A 349 -13.35 0.07 -19.53
N GLY A 350 -13.50 0.13 -20.86
CA GLY A 350 -12.43 0.19 -21.82
C GLY A 350 -12.69 1.32 -22.81
N TRP A 351 -12.06 1.16 -23.99
CA TRP A 351 -11.95 2.28 -24.93
C TRP A 351 -13.30 2.87 -25.30
N LYS A 352 -14.20 2.05 -25.84
CA LYS A 352 -15.50 2.57 -26.26
C LYS A 352 -16.38 2.92 -25.07
N GLY A 353 -16.20 2.22 -23.96
CA GLY A 353 -17.04 2.44 -22.79
C GLY A 353 -16.74 3.77 -22.13
N TRP A 354 -15.45 4.06 -21.91
CA TRP A 354 -15.07 5.37 -21.40
C TRP A 354 -15.46 6.47 -22.38
N LEU A 355 -15.36 6.23 -23.69
CA LEU A 355 -15.81 7.25 -24.61
C LEU A 355 -17.31 7.47 -24.48
N ALA A 356 -18.09 6.39 -24.34
CA ALA A 356 -19.53 6.55 -24.17
C ALA A 356 -19.83 7.31 -22.89
N ALA A 357 -19.09 7.01 -21.83
CA ALA A 357 -19.29 7.70 -20.57
C ALA A 357 -19.04 9.19 -20.74
N ASP A 358 -18.05 9.54 -21.56
CA ASP A 358 -17.73 10.95 -21.75
C ASP A 358 -18.91 11.73 -22.32
N GLN A 359 -19.79 11.06 -23.10
CA GLN A 359 -20.93 11.74 -23.67
C GLN A 359 -21.90 12.23 -22.60
N GLN A 360 -21.86 11.65 -21.42
CA GLN A 360 -22.66 12.13 -20.31
C GLN A 360 -21.83 12.86 -19.28
N ILE A 361 -20.55 12.49 -19.09
CA ILE A 361 -19.71 13.22 -18.15
C ILE A 361 -19.49 14.64 -18.61
N ARG A 362 -19.14 14.81 -19.89
CA ARG A 362 -18.76 16.13 -20.40
C ARG A 362 -19.89 17.14 -20.27
N PRO A 363 -21.10 16.92 -20.76
CA PRO A 363 -22.12 17.97 -20.61
C PRO A 363 -22.52 18.23 -19.16
N PHE A 364 -22.42 17.23 -18.28
CA PHE A 364 -22.68 17.41 -16.85
C PHE A 364 -21.65 18.37 -16.25
N LEU A 365 -20.37 18.02 -16.35
CA LEU A 365 -19.33 18.79 -15.69
C LEU A 365 -19.07 20.13 -16.37
N GLU A 366 -19.34 20.25 -17.68
CA GLU A 366 -19.17 21.53 -18.38
C GLU A 366 -20.45 22.37 -18.40
N GLU A 367 -21.53 21.85 -17.81
CA GLU A 367 -22.80 22.58 -17.67
C GLU A 367 -23.39 23.01 -19.02
N ASN A 368 -23.31 22.15 -20.03
CA ASN A 368 -24.05 22.41 -21.26
C ASN A 368 -25.54 22.50 -20.96
N HIS A 369 -26.03 21.63 -20.09
CA HIS A 369 -27.37 21.66 -19.53
C HIS A 369 -27.22 21.42 -18.04
N ILE A 370 -28.20 21.92 -17.28
CA ILE A 370 -28.19 21.85 -15.82
C ILE A 370 -29.57 21.35 -15.37
N THR A 371 -29.58 20.33 -14.51
CA THR A 371 -30.80 19.94 -13.82
C THR A 371 -30.53 19.93 -12.33
N ALA A 372 -31.59 20.16 -11.55
CA ALA A 372 -31.51 20.23 -10.11
C ALA A 372 -32.10 18.98 -9.48
N SER A 373 -31.34 18.36 -8.60
CA SER A 373 -31.80 17.19 -7.89
C SER A 373 -32.28 17.59 -6.51
N LYS A 374 -33.40 17.03 -6.08
CA LYS A 374 -33.90 17.20 -4.72
C LYS A 374 -34.14 15.81 -4.15
N TYR A 375 -33.53 15.54 -3.01
CA TYR A 375 -33.46 14.18 -2.50
C TYR A 375 -34.50 13.92 -1.43
N HIS A 376 -35.00 12.69 -1.44
CA HIS A 376 -35.92 12.18 -0.43
C HIS A 376 -35.37 10.84 0.03
N LEU A 377 -34.49 10.88 1.04
CA LEU A 377 -33.86 9.65 1.52
C LEU A 377 -34.88 8.76 2.23
N ASP A 378 -34.74 7.44 2.03
CA ASP A 378 -35.55 6.45 2.71
C ASP A 378 -34.64 5.46 3.41
N ASP A 379 -34.72 5.43 4.74
CA ASP A 379 -33.87 4.54 5.52
C ASP A 379 -34.26 3.07 5.37
N ALA A 380 -35.41 2.76 4.76
CA ALA A 380 -35.72 1.37 4.46
C ALA A 380 -34.62 0.71 3.64
N PHE A 381 -33.85 1.50 2.88
CA PHE A 381 -32.82 0.88 2.03
C PHE A 381 -31.65 0.32 2.84
N PHE A 382 -31.60 0.55 4.16
CA PHE A 382 -30.65 -0.10 5.05
C PHE A 382 -31.09 -1.50 5.48
N SER A 383 -32.35 -1.87 5.19
CA SER A 383 -32.94 -3.08 5.76
C SER A 383 -32.54 -4.32 5.00
N LYS A 384 -32.59 -5.46 5.72
CA LYS A 384 -32.36 -6.75 5.08
C LYS A 384 -33.44 -7.04 4.05
N SER A 385 -34.65 -6.52 4.26
CA SER A 385 -35.70 -6.70 3.26
C SER A 385 -35.26 -6.15 1.93
N TRP A 386 -34.72 -4.93 1.92
CA TRP A 386 -34.22 -4.36 0.68
C TRP A 386 -33.07 -5.19 0.10
N GLN A 387 -32.12 -5.59 0.95
CA GLN A 387 -30.99 -6.38 0.48
C GLN A 387 -31.47 -7.64 -0.26
N HIS A 388 -32.56 -8.24 0.20
CA HIS A 388 -33.09 -9.47 -0.37
C HIS A 388 -34.21 -9.26 -1.39
N GLN A 389 -34.55 -8.01 -1.69
CA GLN A 389 -35.71 -7.70 -2.53
C GLN A 389 -35.49 -8.17 -3.96
N ILE A 390 -36.45 -8.91 -4.49
CA ILE A 390 -36.41 -9.30 -5.91
C ILE A 390 -36.85 -8.11 -6.75
N PRO A 391 -36.10 -7.75 -7.81
CA PRO A 391 -36.42 -6.51 -8.53
C PRO A 391 -37.73 -6.52 -9.31
N ASP A 392 -38.26 -7.69 -9.68
CA ASP A 392 -39.24 -7.74 -10.75
C ASP A 392 -40.55 -7.04 -10.41
N LYS A 393 -40.96 -7.04 -9.14
CA LYS A 393 -42.21 -6.39 -8.78
C LYS A 393 -42.05 -4.89 -8.49
N LEU A 394 -40.83 -4.36 -8.52
CA LEU A 394 -40.65 -2.96 -8.23
C LEU A 394 -41.27 -2.10 -9.32
N GLN A 395 -41.94 -1.04 -8.91
CA GLN A 395 -42.49 -0.08 -9.87
C GLN A 395 -42.42 1.31 -9.27
N LEU A 396 -41.96 2.26 -10.06
CA LEU A 396 -42.04 3.67 -9.67
C LEU A 396 -43.11 4.37 -10.50
N ASN B 8 -0.73 -21.70 -1.11
CA ASN B 8 -0.59 -21.65 -2.56
C ASN B 8 0.80 -21.13 -2.89
N PRO B 9 1.60 -21.91 -3.62
CA PRO B 9 2.98 -21.47 -3.91
C PRO B 9 3.05 -20.15 -4.67
N GLU B 10 2.12 -19.91 -5.60
CA GLU B 10 2.11 -18.65 -6.31
C GLU B 10 1.83 -17.49 -5.36
N THR B 11 0.98 -17.71 -4.34
CA THR B 11 0.70 -16.65 -3.39
C THR B 11 1.93 -16.35 -2.53
N ILE B 12 2.67 -17.38 -2.13
CA ILE B 12 3.90 -17.14 -1.36
C ILE B 12 4.91 -16.39 -2.22
N ARG B 13 5.06 -16.79 -3.47
CA ARG B 13 6.01 -16.15 -4.37
C ARG B 13 5.66 -14.68 -4.56
N ARG B 14 4.38 -14.39 -4.80
CA ARG B 14 3.96 -12.99 -4.89
C ARG B 14 4.23 -12.25 -3.59
N ALA B 15 3.93 -12.87 -2.45
CA ALA B 15 4.18 -12.21 -1.17
C ALA B 15 5.65 -11.94 -0.95
N SER B 16 6.53 -12.80 -1.49
CA SER B 16 7.96 -12.68 -1.24
C SER B 16 8.54 -11.39 -1.80
N SER B 17 7.90 -10.77 -2.79
CA SER B 17 8.36 -9.51 -3.35
C SER B 17 7.39 -8.36 -3.10
N SER B 18 6.30 -8.59 -2.38
CA SER B 18 5.27 -7.57 -2.24
C SER B 18 5.67 -6.45 -1.27
N MET B 19 6.47 -6.75 -0.25
CA MET B 19 6.74 -5.78 0.82
C MET B 19 5.43 -5.26 1.42
N SER B 20 4.39 -6.09 1.38
CA SER B 20 3.10 -5.71 1.93
C SER B 20 3.19 -5.59 3.44
N VAL B 21 2.68 -4.48 3.98
CA VAL B 21 2.76 -4.24 5.42
C VAL B 21 2.04 -5.33 6.19
N ASN B 22 0.97 -5.90 5.61
CA ASN B 22 0.26 -6.99 6.26
C ASN B 22 1.12 -8.25 6.35
N VAL B 23 1.92 -8.52 5.32
CA VAL B 23 2.85 -9.64 5.40
C VAL B 23 3.93 -9.36 6.44
N LEU B 24 4.52 -8.17 6.38
CA LEU B 24 5.61 -7.85 7.29
C LEU B 24 5.16 -7.84 8.75
N LYS B 25 3.91 -7.46 9.01
CA LYS B 25 3.37 -7.40 10.36
C LYS B 25 2.71 -8.70 10.79
N GLY B 26 2.58 -9.67 9.89
CA GLY B 26 1.92 -10.92 10.20
C GLY B 26 2.88 -12.04 10.54
N ASP B 27 2.33 -13.25 10.60
CA ASP B 27 3.12 -14.43 10.86
C ASP B 27 2.92 -15.51 9.80
N ALA B 28 1.68 -15.79 9.43
CA ALA B 28 1.38 -17.02 8.68
C ALA B 28 2.17 -17.08 7.38
N ILE B 29 2.15 -16.00 6.59
CA ILE B 29 2.80 -16.04 5.28
C ILE B 29 4.32 -16.05 5.44
N LYS B 30 4.87 -15.06 6.15
CA LYS B 30 6.32 -14.93 6.18
C LYS B 30 6.96 -16.13 6.89
N ASN B 31 6.33 -16.64 7.94
CA ASN B 31 6.93 -17.74 8.68
C ASN B 31 6.92 -19.02 7.86
N TYR B 32 5.84 -19.27 7.12
CA TYR B 32 5.83 -20.43 6.25
C TYR B 32 6.89 -20.29 5.18
N ALA B 33 6.95 -19.14 4.52
CA ALA B 33 7.95 -18.96 3.48
C ALA B 33 9.36 -19.17 4.04
N LEU B 34 9.66 -18.56 5.17
CA LEU B 34 11.01 -18.68 5.73
C LEU B 34 11.33 -20.12 6.11
N SER B 35 10.32 -20.94 6.40
CA SER B 35 10.59 -22.34 6.73
C SER B 35 11.06 -23.11 5.50
N GLU B 36 10.85 -22.58 4.30
CA GLU B 36 11.29 -23.22 3.07
C GLU B 36 12.74 -22.86 2.80
N LYS B 37 13.51 -23.87 2.38
CA LYS B 37 14.93 -23.68 2.08
C LYS B 37 15.15 -22.59 1.04
N GLN B 38 14.23 -22.46 0.07
CA GLN B 38 14.49 -21.60 -1.06
C GLN B 38 14.39 -20.11 -0.73
N TYR B 39 13.65 -19.74 0.32
CA TYR B 39 13.42 -18.33 0.62
C TYR B 39 14.45 -17.81 1.61
N ILE B 40 15.20 -16.80 1.17
CA ILE B 40 16.26 -16.19 1.96
C ILE B 40 15.79 -14.80 2.36
N PRO B 41 15.70 -14.49 3.65
CA PRO B 41 15.20 -13.16 4.02
C PRO B 41 16.21 -12.06 3.70
N PHE B 42 15.70 -10.99 3.06
CA PHE B 42 16.45 -9.78 2.78
C PHE B 42 15.81 -8.67 3.60
N PHE B 43 16.52 -8.21 4.62
CA PHE B 43 16.08 -7.14 5.49
C PHE B 43 16.71 -5.82 5.04
N GLY B 44 15.96 -4.73 5.26
CA GLY B 44 16.44 -3.41 4.89
C GLY B 44 15.31 -2.39 4.96
N SER B 45 15.17 -1.57 3.94
CA SER B 45 14.05 -0.62 3.90
C SER B 45 13.67 -0.39 2.44
N SER B 46 13.33 0.85 2.07
CA SER B 46 12.73 1.12 0.75
C SER B 46 13.65 0.79 -0.42
N GLU B 47 14.95 0.65 -0.20
CA GLU B 47 15.82 0.32 -1.33
C GLU B 47 15.44 -1.04 -1.92
N LEU B 48 14.78 -1.90 -1.15
CA LEU B 48 14.40 -3.22 -1.65
C LEU B 48 13.24 -3.16 -2.63
N SER B 49 12.57 -2.03 -2.77
CA SER B 49 11.55 -1.85 -3.80
C SER B 49 12.12 -1.33 -5.10
N ARG B 50 13.43 -1.08 -5.18
CA ARG B 50 14.03 -0.52 -6.40
C ARG B 50 14.25 -1.66 -7.39
N ILE B 51 13.17 -2.11 -8.02
CA ILE B 51 13.28 -3.18 -9.02
C ILE B 51 13.92 -2.61 -10.27
N SER B 52 15.00 -3.23 -10.70
CA SER B 52 15.69 -2.92 -11.94
C SER B 52 16.26 -4.25 -12.38
N PRO B 53 16.95 -4.33 -13.52
CA PRO B 53 17.55 -5.62 -13.90
C PRO B 53 18.56 -6.16 -12.91
N PHE B 54 19.09 -5.33 -12.01
CA PHE B 54 20.17 -5.70 -11.10
C PHE B 54 19.69 -5.99 -9.68
N HIS B 55 18.39 -5.81 -9.44
CA HIS B 55 17.81 -6.08 -8.13
C HIS B 55 17.97 -7.57 -7.80
N PRO B 56 18.20 -7.91 -6.52
CA PRO B 56 18.50 -9.31 -6.18
C PRO B 56 17.44 -10.30 -6.61
N SER B 57 16.17 -9.90 -6.65
CA SER B 57 15.13 -10.84 -7.06
C SER B 57 15.19 -11.12 -8.55
N VAL B 58 15.56 -10.10 -9.33
CA VAL B 58 15.62 -10.24 -10.78
C VAL B 58 16.80 -11.12 -11.17
N LEU B 59 17.97 -10.87 -10.57
CA LEU B 59 19.14 -11.70 -10.87
C LEU B 59 18.90 -13.16 -10.50
N ALA B 60 18.34 -13.41 -9.31
CA ALA B 60 18.12 -14.79 -8.89
C ALA B 60 17.17 -15.52 -9.84
N GLU B 61 16.14 -14.82 -10.33
CA GLU B 61 15.19 -15.42 -11.26
C GLU B 61 15.80 -15.66 -12.63
N LYS B 62 16.43 -14.63 -13.21
CA LYS B 62 16.97 -14.77 -14.56
C LYS B 62 18.01 -15.88 -14.62
N TYR B 63 18.88 -15.95 -13.62
CA TYR B 63 19.98 -16.90 -13.62
C TYR B 63 19.63 -18.19 -12.88
N GLN B 64 18.35 -18.39 -12.58
CA GLN B 64 17.82 -19.68 -12.13
C GLN B 64 18.56 -20.18 -10.90
N ARG B 65 18.74 -19.29 -9.95
CA ARG B 65 19.50 -19.62 -8.75
C ARG B 65 18.65 -20.47 -7.81
N ASN B 66 19.30 -21.02 -6.80
CA ASN B 66 18.68 -21.95 -5.88
C ASN B 66 17.97 -21.26 -4.73
N TYR B 67 17.70 -19.96 -4.85
CA TYR B 67 17.01 -19.22 -3.81
C TYR B 67 16.14 -18.14 -4.45
N ARG B 68 15.18 -17.65 -3.68
CA ARG B 68 14.42 -16.45 -3.99
C ARG B 68 14.47 -15.51 -2.78
N PRO B 69 14.81 -14.24 -2.95
CA PRO B 69 14.73 -13.33 -1.80
C PRO B 69 13.30 -13.21 -1.31
N PHE B 70 13.14 -13.12 0.03
CA PHE B 70 11.87 -12.75 0.65
C PHE B 70 12.12 -11.37 1.24
N LEU B 71 11.51 -10.35 0.65
CA LEU B 71 11.82 -8.97 0.97
C LEU B 71 11.06 -8.55 2.23
N LEU B 72 11.79 -8.22 3.29
CA LEU B 72 11.20 -7.82 4.55
C LEU B 72 11.50 -6.40 4.99
N GLY B 73 12.36 -5.69 4.30
CA GLY B 73 12.41 -4.26 4.44
C GLY B 73 11.31 -3.55 3.67
N ALA B 74 10.99 -2.34 4.11
CA ALA B 74 9.93 -1.53 3.51
C ALA B 74 10.17 -0.07 3.88
N PRO B 75 9.48 0.86 3.24
CA PRO B 75 9.69 2.28 3.59
C PRO B 75 9.43 2.53 5.06
N GLY B 76 10.49 2.94 5.77
CA GLY B 76 10.43 3.24 7.18
C GLY B 76 10.68 2.10 8.14
N THR B 77 11.03 0.91 7.66
CA THR B 77 11.38 -0.17 8.58
C THR B 77 12.85 -0.04 8.97
N GLN B 78 13.12 0.04 10.28
CA GLN B 78 14.48 0.10 10.81
C GLN B 78 14.69 -1.09 11.74
N SER B 79 15.65 -1.00 12.66
CA SER B 79 16.09 -2.23 13.35
C SER B 79 15.01 -2.79 14.27
N LEU B 80 14.32 -1.94 15.02
CA LEU B 80 13.31 -2.44 15.96
C LEU B 80 12.21 -3.19 15.22
N SER B 81 11.67 -2.60 14.16
CA SER B 81 10.63 -3.28 13.41
C SER B 81 11.12 -4.61 12.86
N GLN B 82 12.33 -4.64 12.32
CA GLN B 82 12.79 -5.89 11.73
C GLN B 82 13.15 -6.92 12.80
N TYR B 83 13.58 -6.47 13.99
CA TYR B 83 13.72 -7.40 15.12
C TYR B 83 12.40 -8.14 15.37
N MET B 84 11.30 -7.39 15.37
CA MET B 84 9.99 -7.99 15.67
C MET B 84 9.60 -9.01 14.62
N MET B 85 9.90 -8.73 13.35
CA MET B 85 9.70 -9.70 12.29
C MET B 85 10.51 -10.96 12.55
N MET B 86 11.81 -10.79 12.85
CA MET B 86 12.69 -11.94 13.08
C MET B 86 12.23 -12.75 14.29
N ARG B 87 12.01 -12.06 15.43
CA ARG B 87 11.61 -12.71 16.67
C ARG B 87 10.32 -13.49 16.48
N SER B 88 9.33 -12.89 15.81
CA SER B 88 8.06 -13.56 15.61
C SER B 88 8.16 -14.74 14.64
N ALA B 89 9.18 -14.77 13.78
CA ALA B 89 9.37 -15.96 12.96
C ALA B 89 9.88 -17.13 13.78
N GLY B 90 10.41 -16.86 14.98
CA GLY B 90 11.01 -17.88 15.82
C GLY B 90 11.84 -18.92 15.10
N ASP B 91 11.51 -20.20 15.29
CA ASP B 91 12.34 -21.27 14.77
C ASP B 91 12.40 -21.30 13.25
N ALA B 92 11.48 -20.61 12.57
CA ALA B 92 11.52 -20.60 11.12
C ALA B 92 12.81 -19.98 10.61
N MET B 93 13.47 -19.16 11.41
CA MET B 93 14.72 -18.52 11.01
C MET B 93 15.96 -19.32 11.38
N LYS B 94 15.82 -20.41 12.12
CA LYS B 94 17.00 -21.09 12.63
C LYS B 94 17.92 -21.54 11.50
N ASN B 95 19.20 -21.22 11.63
CA ASN B 95 20.26 -21.63 10.72
C ASN B 95 20.16 -21.05 9.32
N LYS B 96 19.22 -20.15 9.04
CA LYS B 96 19.11 -19.59 7.70
C LYS B 96 20.22 -18.60 7.41
N LYS B 97 20.59 -18.51 6.14
CA LYS B 97 21.33 -17.37 5.66
C LYS B 97 20.41 -16.17 5.54
N VAL B 98 21.00 -14.99 5.75
CA VAL B 98 20.30 -13.71 5.83
C VAL B 98 21.14 -12.65 5.12
N VAL B 99 20.46 -11.78 4.37
CA VAL B 99 21.07 -10.56 3.85
C VAL B 99 20.39 -9.39 4.53
N PHE B 100 21.19 -8.45 5.02
CA PHE B 100 20.68 -7.33 5.80
C PHE B 100 21.35 -6.06 5.30
N ILE B 101 20.55 -5.11 4.79
CA ILE B 101 21.06 -3.83 4.31
C ILE B 101 20.95 -2.81 5.45
N ILE B 102 22.09 -2.31 5.92
CA ILE B 102 22.15 -1.31 7.00
C ILE B 102 22.13 0.08 6.36
N SER B 103 21.07 0.86 6.59
CA SER B 103 21.00 2.23 6.07
C SER B 103 21.60 3.21 7.07
N PRO B 104 22.65 3.97 6.70
CA PRO B 104 23.22 4.95 7.66
C PRO B 104 22.20 5.96 8.18
N GLN B 105 21.22 6.33 7.34
CA GLN B 105 20.22 7.33 7.69
C GLN B 105 19.31 6.87 8.82
N TRP B 106 19.26 5.58 9.13
CA TRP B 106 18.49 5.16 10.27
C TRP B 106 19.05 5.72 11.57
N PHE B 107 20.35 5.97 11.60
CA PHE B 107 21.09 6.24 12.85
C PHE B 107 21.12 7.72 13.20
N VAL B 108 19.94 8.35 13.20
CA VAL B 108 19.82 9.75 13.58
C VAL B 108 19.69 9.88 15.10
N LYS B 109 19.92 11.12 15.58
CA LYS B 109 20.11 11.37 17.00
C LYS B 109 19.00 10.82 17.87
N ASN B 110 17.75 10.96 17.44
CA ASN B 110 16.62 10.55 18.26
C ASN B 110 16.04 9.20 17.82
N GLY B 111 16.69 8.55 16.87
CA GLY B 111 16.29 7.22 16.47
C GLY B 111 15.08 7.21 15.55
N VAL B 112 14.48 6.02 15.41
CA VAL B 112 13.42 5.82 14.44
C VAL B 112 12.27 6.76 14.75
N LYS B 113 11.79 7.44 13.71
CA LYS B 113 10.66 8.34 13.88
C LYS B 113 9.46 7.56 14.40
N THR B 114 8.73 8.18 15.34
CA THR B 114 7.52 7.58 15.87
C THR B 114 6.56 7.17 14.75
N ASP B 115 6.46 7.99 13.70
CA ASP B 115 5.57 7.68 12.60
C ASP B 115 5.92 6.36 11.93
N TYR B 116 7.23 6.07 11.80
CA TYR B 116 7.65 4.83 11.18
C TYR B 116 7.40 3.65 12.10
N PHE B 117 7.64 3.82 13.39
CA PHE B 117 7.40 2.73 14.32
C PHE B 117 5.92 2.36 14.31
N ASN B 118 5.03 3.35 14.29
CA ASN B 118 3.61 3.07 14.32
C ASN B 118 3.14 2.32 13.07
N THR B 119 3.73 2.63 11.91
CA THR B 119 3.26 1.97 10.69
C THR B 119 3.52 0.47 10.73
N TYR B 120 4.55 0.03 11.43
CA TYR B 120 4.90 -1.38 11.46
C TYR B 120 4.66 -2.04 12.81
N TYR B 121 4.31 -1.27 13.85
CA TYR B 121 4.01 -1.87 15.14
C TYR B 121 2.92 -2.92 14.98
N SER B 122 3.21 -4.14 15.43
CA SER B 122 2.35 -5.28 15.24
C SER B 122 2.02 -5.83 16.61
N GLU B 123 0.77 -5.72 17.03
CA GLU B 123 0.37 -6.33 18.29
C GLU B 123 0.60 -7.83 18.24
N LEU B 124 0.30 -8.45 17.11
CA LEU B 124 0.53 -9.88 16.96
C LEU B 124 1.97 -10.24 17.30
N GLN B 125 2.92 -9.52 16.69
CA GLN B 125 4.33 -9.90 16.86
C GLN B 125 4.83 -9.53 18.24
N THR B 126 4.31 -8.45 18.83
CA THR B 126 4.67 -8.10 20.19
C THR B 126 4.20 -9.19 21.14
N TYR B 127 2.96 -9.67 20.95
CA TYR B 127 2.45 -10.73 21.81
C TYR B 127 3.17 -12.05 21.56
N ASP B 128 3.51 -12.34 20.29
CA ASP B 128 4.34 -13.51 20.00
C ASP B 128 5.61 -13.49 20.86
N TRP B 129 6.25 -12.32 20.97
CA TRP B 129 7.46 -12.18 21.79
C TRP B 129 7.17 -12.48 23.25
N LEU B 130 6.14 -11.85 23.79
CA LEU B 130 5.84 -12.01 25.22
C LEU B 130 5.57 -13.47 25.56
N PHE B 131 4.79 -14.16 24.73
CA PHE B 131 4.46 -15.56 24.99
C PHE B 131 5.62 -16.51 24.69
N SER B 132 6.65 -16.03 23.99
CA SER B 132 7.84 -16.83 23.70
C SER B 132 8.89 -16.75 24.80
N MET B 133 8.80 -15.75 25.67
CA MET B 133 9.83 -15.54 26.68
C MET B 133 9.77 -16.63 27.74
N LYS B 134 10.91 -17.29 27.97
CA LYS B 134 11.06 -18.22 29.07
C LYS B 134 11.89 -17.61 30.20
N LYS B 135 12.71 -16.62 29.89
CA LYS B 135 13.47 -15.87 30.86
C LYS B 135 13.63 -14.46 30.31
N VAL B 136 14.02 -13.54 31.19
CA VAL B 136 14.23 -12.15 30.79
C VAL B 136 15.71 -11.96 30.50
N THR B 137 16.05 -11.66 29.26
CA THR B 137 17.41 -11.32 28.89
C THR B 137 17.56 -9.82 28.83
N PRO B 138 18.81 -9.34 28.81
CA PRO B 138 19.02 -7.89 28.61
C PRO B 138 18.38 -7.39 27.34
N ALA B 139 18.30 -8.23 26.29
CA ALA B 139 17.60 -7.81 25.08
C ALA B 139 16.12 -7.54 25.40
N ASP B 140 15.49 -8.41 26.19
CA ASP B 140 14.08 -8.23 26.49
C ASP B 140 13.85 -6.98 27.30
N ARG B 141 14.74 -6.69 28.26
CA ARG B 141 14.64 -5.50 29.06
C ARG B 141 14.79 -4.26 28.21
N TYR B 142 15.75 -4.29 27.27
CA TYR B 142 15.97 -3.14 26.41
C TYR B 142 14.74 -2.90 25.54
N LEU B 143 14.22 -3.97 24.92
CA LEU B 143 13.03 -3.83 24.09
C LEU B 143 11.85 -3.27 24.88
N ALA B 144 11.61 -3.80 26.08
CA ALA B 144 10.52 -3.27 26.89
C ALA B 144 10.72 -1.79 27.18
N ARG B 145 11.95 -1.39 27.52
CA ARG B 145 12.24 0.02 27.75
C ARG B 145 11.89 0.86 26.53
N ARG B 146 12.27 0.39 25.34
CA ARG B 146 12.01 1.14 24.12
C ARG B 146 10.52 1.22 23.82
N LEU B 147 9.81 0.08 23.88
CA LEU B 147 8.40 0.07 23.55
C LEU B 147 7.60 1.02 24.44
N LEU B 148 7.98 1.13 25.71
CA LEU B 148 7.31 2.01 26.66
C LEU B 148 7.46 3.50 26.35
N THR B 149 8.24 3.87 25.34
CA THR B 149 8.37 5.28 24.96
C THR B 149 7.43 5.67 23.82
N PHE B 150 6.76 4.72 23.19
CA PHE B 150 5.90 4.99 22.05
C PHE B 150 4.44 5.05 22.49
N SER B 151 3.77 6.14 22.11
CA SER B 151 2.40 6.34 22.56
C SER B 151 1.49 5.18 22.14
N LYS B 152 1.69 4.65 20.94
CA LYS B 152 0.85 3.56 20.48
C LYS B 152 0.85 2.41 21.49
N VAL B 153 2.03 2.11 22.05
CA VAL B 153 2.14 1.05 23.06
C VAL B 153 1.43 1.47 24.35
N LYS B 154 1.61 2.72 24.75
CA LYS B 154 1.07 3.20 26.01
C LYS B 154 -0.45 3.20 26.01
N GLU B 155 -1.09 3.23 24.84
CA GLU B 155 -2.54 3.15 24.75
C GLU B 155 -3.09 1.82 25.25
N ASN B 156 -2.24 0.82 25.44
CA ASN B 156 -2.66 -0.53 25.83
C ASN B 156 -2.21 -0.74 27.28
N ASP B 157 -3.15 -0.60 28.22
CA ASP B 157 -2.78 -0.57 29.64
C ASP B 157 -2.29 -1.94 30.12
N THR B 158 -2.91 -3.03 29.66
CA THR B 158 -2.46 -4.36 30.06
C THR B 158 -1.06 -4.64 29.56
N LEU B 159 -0.77 -4.31 28.30
CA LEU B 159 0.57 -4.49 27.75
C LEU B 159 1.59 -3.62 28.48
N THR B 160 1.26 -2.35 28.74
CA THR B 160 2.19 -1.46 29.42
C THR B 160 2.64 -2.05 30.76
N ALA B 161 1.70 -2.62 31.53
CA ALA B 161 2.06 -3.16 32.83
C ALA B 161 2.98 -4.37 32.71
N ILE B 162 2.73 -5.23 31.72
CA ILE B 162 3.61 -6.36 31.47
C ILE B 162 5.00 -5.86 31.10
N LEU B 163 5.07 -4.81 30.26
CA LEU B 163 6.36 -4.28 29.86
C LEU B 163 7.11 -3.66 31.04
N GLN B 164 6.40 -3.02 31.96
CA GLN B 164 7.05 -2.48 33.15
C GLN B 164 7.66 -3.61 34.00
N THR B 165 6.97 -4.74 34.11
CA THR B 165 7.52 -5.91 34.79
C THR B 165 8.82 -6.37 34.12
N ILE B 166 8.82 -6.48 32.80
CA ILE B 166 10.01 -6.92 32.07
C ILE B 166 11.15 -5.92 32.23
N LYS B 167 10.82 -4.62 32.18
CA LYS B 167 11.86 -3.58 32.32
C LYS B 167 12.60 -3.73 33.63
N LYS B 168 11.90 -4.10 34.71
CA LYS B 168 12.54 -4.33 35.98
C LYS B 168 13.35 -5.62 36.04
N GLY B 169 13.26 -6.47 35.02
CA GLY B 169 13.99 -7.71 34.98
C GLY B 169 13.21 -8.93 35.42
N LYS B 170 11.89 -8.83 35.52
CA LYS B 170 11.07 -9.90 36.06
C LYS B 170 10.24 -10.54 34.97
N LEU B 171 10.09 -11.84 35.05
CA LEU B 171 9.30 -12.55 34.07
C LEU B 171 7.82 -12.39 34.39
N PRO B 172 7.01 -11.93 33.45
CA PRO B 172 5.57 -11.80 33.72
C PRO B 172 4.95 -13.13 34.11
N LEU B 173 4.03 -13.10 35.06
CA LEU B 173 3.37 -14.32 35.47
C LEU B 173 2.51 -14.87 34.33
N PRO B 174 2.36 -16.20 34.26
CA PRO B 174 1.45 -16.75 33.24
C PRO B 174 0.06 -16.14 33.29
N GLU B 175 -0.47 -15.91 34.51
CA GLU B 175 -1.79 -15.33 34.67
C GLU B 175 -1.85 -13.90 34.15
N SER B 176 -0.72 -13.18 34.21
CA SER B 176 -0.67 -11.82 33.69
C SER B 176 -0.65 -11.81 32.17
N LEU B 177 0.21 -12.62 31.56
CA LEU B 177 0.20 -12.74 30.10
C LEU B 177 -1.12 -13.27 29.60
N ASN B 178 -1.80 -14.13 30.37
CA ASN B 178 -3.05 -14.74 29.91
C ASN B 178 -4.14 -13.71 29.65
N GLN B 179 -4.04 -12.50 30.22
CA GLN B 179 -5.02 -11.46 29.93
C GLN B 179 -4.92 -10.94 28.50
N LEU B 180 -3.83 -11.22 27.80
CA LEU B 180 -3.69 -10.88 26.40
C LEU B 180 -4.06 -12.04 25.48
N ARG B 181 -4.37 -13.22 26.02
CA ARG B 181 -4.42 -14.41 25.19
C ARG B 181 -5.60 -14.40 24.23
N SER B 182 -6.74 -13.88 24.66
CA SER B 182 -7.91 -13.87 23.79
C SER B 182 -7.65 -12.97 22.59
N GLN B 183 -7.12 -11.76 22.84
CA GLN B 183 -6.74 -10.86 21.75
C GLN B 183 -5.68 -11.48 20.86
N TRP B 184 -4.66 -12.12 21.47
CA TRP B 184 -3.62 -12.78 20.68
C TRP B 184 -4.21 -13.84 19.77
N ASN B 185 -5.13 -14.65 20.31
CA ASN B 185 -5.75 -15.72 19.54
C ASN B 185 -6.57 -15.16 18.37
N MET B 186 -7.28 -14.07 18.60
CA MET B 186 -8.04 -13.44 17.52
C MET B 186 -7.11 -12.91 16.44
N LEU B 187 -6.00 -12.28 16.84
CA LEU B 187 -5.04 -11.79 15.85
C LEU B 187 -4.45 -12.93 15.04
N LYS B 188 -4.14 -14.05 15.70
CA LYS B 188 -3.59 -15.19 14.98
C LYS B 188 -4.59 -15.72 13.96
N ARG B 189 -5.87 -15.79 14.33
CA ARG B 189 -6.88 -16.32 13.41
C ARG B 189 -7.07 -15.40 12.20
N GLU B 190 -7.14 -14.08 12.43
CA GLU B 190 -7.20 -13.14 11.33
C GLU B 190 -5.98 -13.28 10.42
N ASP B 191 -4.81 -13.48 11.02
CA ASP B 191 -3.58 -13.61 10.26
C ASP B 191 -3.54 -14.91 9.46
N GLU B 192 -4.10 -15.99 10.01
CA GLU B 192 -4.08 -17.27 9.30
C GLU B 192 -4.96 -17.24 8.06
N VAL B 193 -6.07 -16.52 8.11
CA VAL B 193 -6.96 -16.42 6.96
C VAL B 193 -6.54 -15.26 6.07
N ASP B 201 1.54 -7.03 -6.35
CA ASP B 201 2.22 -7.96 -7.25
C ASP B 201 3.32 -7.28 -8.05
N ARG B 202 4.55 -7.69 -7.80
CA ARG B 202 5.70 -7.19 -8.53
C ARG B 202 6.35 -8.23 -9.42
N GLN B 203 5.82 -9.47 -9.45
CA GLN B 203 6.47 -10.52 -10.23
C GLN B 203 6.44 -10.21 -11.71
N GLN B 204 5.42 -9.51 -12.20
CA GLN B 204 5.45 -9.05 -13.59
C GLN B 204 6.60 -8.08 -13.79
N LYS B 205 6.77 -7.13 -12.85
CA LYS B 205 7.89 -6.21 -12.93
C LYS B 205 9.20 -6.95 -12.88
N ILE B 206 9.34 -7.90 -11.95
CA ILE B 206 10.55 -8.71 -11.88
C ILE B 206 10.76 -9.48 -13.17
N ASP B 207 9.69 -10.07 -13.73
CA ASP B 207 9.83 -10.82 -14.97
C ASP B 207 10.14 -9.90 -16.15
N HIS B 208 9.53 -8.72 -16.18
CA HIS B 208 9.82 -7.74 -17.23
C HIS B 208 11.28 -7.33 -17.20
N GLU B 209 11.81 -7.00 -16.02
CA GLU B 209 13.20 -6.57 -15.93
C GLU B 209 14.17 -7.71 -16.27
N SER B 210 13.79 -8.97 -16.00
CA SER B 210 14.72 -10.06 -16.27
C SER B 210 15.01 -10.21 -17.76
N LYS B 211 14.05 -9.83 -18.62
CA LYS B 211 14.21 -9.93 -20.06
C LYS B 211 15.23 -8.95 -20.62
N ARG B 212 15.64 -7.95 -19.84
CA ARG B 212 16.67 -7.02 -20.28
C ARG B 212 18.08 -7.56 -20.09
N LEU B 213 18.22 -8.69 -19.43
CA LEU B 213 19.54 -9.22 -19.05
C LEU B 213 20.03 -10.25 -20.05
N PRO B 214 21.36 -10.44 -20.12
CA PRO B 214 21.91 -11.48 -20.99
C PRO B 214 21.57 -12.89 -20.49
N LYS B 215 21.48 -13.83 -21.43
CA LYS B 215 21.18 -15.22 -21.07
C LYS B 215 22.21 -15.75 -20.08
N GLN B 216 23.48 -15.42 -20.29
CA GLN B 216 24.56 -15.91 -19.47
C GLN B 216 25.04 -14.78 -18.56
N TYR B 217 25.26 -15.09 -17.30
CA TYR B 217 25.75 -14.08 -16.38
C TYR B 217 27.19 -13.73 -16.72
N GLN B 218 27.46 -12.43 -16.85
CA GLN B 218 28.81 -11.95 -17.14
C GLN B 218 28.85 -10.57 -16.49
N GLU B 219 29.64 -10.43 -15.43
CA GLU B 219 29.60 -9.23 -14.60
C GLU B 219 29.87 -7.95 -15.41
N THR B 220 30.82 -7.99 -16.36
CA THR B 220 31.18 -6.79 -17.11
C THR B 220 30.07 -6.41 -18.11
N GLU B 221 29.51 -7.39 -18.82
CA GLU B 221 28.31 -7.13 -19.61
C GLU B 221 27.22 -6.48 -18.74
N LEU B 222 27.00 -7.02 -17.54
CA LEU B 222 26.00 -6.44 -16.66
C LEU B 222 26.38 -5.02 -16.23
N SER B 223 27.65 -4.80 -15.93
CA SER B 223 28.12 -3.47 -15.55
C SER B 223 27.90 -2.45 -16.66
N ILE B 224 28.20 -2.83 -17.90
CA ILE B 224 27.99 -1.95 -19.04
C ILE B 224 26.52 -1.58 -19.15
N LEU B 225 25.65 -2.58 -18.99
CA LEU B 225 24.22 -2.32 -19.06
C LEU B 225 23.78 -1.41 -17.92
N ALA B 226 24.32 -1.63 -16.73
CA ALA B 226 23.94 -0.78 -15.60
C ALA B 226 24.36 0.66 -15.83
N ASN B 227 25.54 0.86 -16.44
CA ASN B 227 26.00 2.21 -16.76
C ASN B 227 25.11 2.83 -17.84
N GLN B 228 24.73 2.04 -18.86
CA GLN B 228 23.85 2.55 -19.90
C GLN B 228 22.49 2.96 -19.33
N ILE B 229 21.91 2.13 -18.47
CA ILE B 229 20.61 2.46 -17.89
C ILE B 229 20.74 3.67 -16.97
N GLY B 230 21.77 3.67 -16.12
CA GLY B 230 21.96 4.78 -15.21
C GLY B 230 22.11 6.10 -15.94
N GLU B 231 22.92 6.10 -17.00
CA GLU B 231 23.10 7.32 -17.78
C GLU B 231 21.79 7.82 -18.37
N ARG B 232 20.99 6.91 -18.93
CA ARG B 232 19.73 7.28 -19.57
C ARG B 232 18.70 7.77 -18.57
N GLU B 233 18.74 7.29 -17.33
CA GLU B 233 17.69 7.58 -16.35
C GLU B 233 18.04 8.73 -15.41
N THR B 234 19.15 9.42 -15.63
CA THR B 234 19.62 10.46 -14.72
C THR B 234 19.99 11.72 -15.47
N THR B 235 19.26 12.03 -16.55
CA THR B 235 19.64 13.09 -17.45
C THR B 235 19.12 14.46 -17.04
N ASN B 236 18.26 14.57 -16.02
CA ASN B 236 17.55 15.83 -15.79
C ASN B 236 18.09 16.65 -14.62
N ASN B 237 19.30 16.36 -14.16
CA ASN B 237 19.84 17.05 -13.00
C ASN B 237 21.33 16.82 -12.96
N PRO B 238 22.05 17.59 -12.14
CA PRO B 238 23.51 17.47 -12.10
C PRO B 238 24.06 16.48 -11.08
N PHE B 239 23.20 15.71 -10.42
CA PHE B 239 23.60 14.96 -9.25
C PHE B 239 23.62 13.45 -9.45
N GLY B 240 23.28 12.96 -10.63
CA GLY B 240 23.17 11.54 -10.84
C GLY B 240 21.95 10.90 -10.22
N LEU B 241 20.90 11.68 -9.96
CA LEU B 241 19.68 11.17 -9.36
C LEU B 241 18.71 10.73 -10.45
N LYS B 242 17.98 9.64 -10.18
CA LYS B 242 16.94 9.23 -11.10
C LYS B 242 15.98 10.38 -11.39
N ASN B 243 15.65 10.57 -12.68
CA ASN B 243 14.88 11.73 -13.10
C ASN B 243 13.62 11.94 -12.28
N ASP B 244 12.79 10.90 -12.12
CA ASP B 244 11.51 11.08 -11.44
C ASP B 244 11.73 11.46 -9.98
N PHE B 245 12.76 10.89 -9.35
CA PHE B 245 13.06 11.24 -7.97
C PHE B 245 13.46 12.70 -7.87
N TYR B 246 14.29 13.16 -8.80
CA TYR B 246 14.68 14.57 -8.78
C TYR B 246 13.45 15.45 -8.94
N THR B 247 12.62 15.16 -9.93
CA THR B 247 11.49 16.02 -10.21
C THR B 247 10.51 16.08 -9.04
N HIS B 248 10.25 14.92 -8.43
CA HIS B 248 9.20 14.81 -7.42
C HIS B 248 9.67 15.22 -6.04
N ARG B 249 10.96 15.06 -5.73
CA ARG B 249 11.41 15.24 -4.37
C ARG B 249 12.41 16.35 -4.18
N ILE B 250 13.17 16.71 -5.21
CA ILE B 250 14.29 17.63 -5.07
C ILE B 250 14.03 18.97 -5.74
N ARG B 251 13.51 18.95 -6.97
CA ARG B 251 13.52 20.16 -7.80
C ARG B 251 12.88 21.36 -7.10
N ALA B 252 11.76 21.15 -6.40
CA ALA B 252 11.00 22.27 -5.85
C ALA B 252 11.75 22.99 -4.74
N HIS B 253 12.65 22.29 -4.05
CA HIS B 253 13.41 22.86 -2.94
C HIS B 253 14.90 22.86 -3.22
N GLU B 254 15.29 22.72 -4.49
CA GLU B 254 16.70 22.42 -4.77
C GLU B 254 17.63 23.49 -4.25
N PRO B 255 17.34 24.79 -4.40
CA PRO B 255 18.27 25.80 -3.87
C PRO B 255 18.44 25.74 -2.37
N GLU B 256 17.35 25.53 -1.63
CA GLU B 256 17.37 25.48 -0.18
C GLU B 256 18.11 24.26 0.35
N LEU B 257 18.27 23.22 -0.45
CA LEU B 257 18.96 22.03 0.01
C LEU B 257 20.47 22.19 0.02
N LYS B 258 21.01 23.23 -0.61
CA LYS B 258 22.45 23.42 -0.59
C LYS B 258 22.95 23.63 0.84
N GLN B 259 23.96 22.85 1.24
CA GLN B 259 24.57 22.92 2.57
C GLN B 259 23.61 22.57 3.70
N SER B 260 22.43 22.03 3.38
CA SER B 260 21.41 21.79 4.39
C SER B 260 21.79 20.66 5.34
N GLN B 261 22.72 19.79 4.94
CA GLN B 261 23.10 18.63 5.73
C GLN B 261 24.51 18.78 6.31
N LYS B 262 25.03 20.00 6.36
CA LYS B 262 26.42 20.18 6.80
C LYS B 262 26.66 19.67 8.21
N ASN B 263 25.65 19.71 9.09
CA ASN B 263 25.83 19.30 10.48
C ASN B 263 25.15 17.98 10.80
N TRP B 264 24.66 17.25 9.79
CA TRP B 264 24.01 15.98 10.04
C TRP B 264 25.03 14.92 10.47
N ASP B 265 24.61 14.06 11.39
CA ASP B 265 25.52 13.13 12.03
C ASP B 265 24.74 11.85 12.29
N TYR B 266 25.26 10.73 11.79
CA TYR B 266 24.67 9.41 11.97
C TYR B 266 25.49 8.54 12.94
N ARG B 267 26.37 9.15 13.73
CA ARG B 267 27.26 8.35 14.57
C ARG B 267 26.71 8.12 15.97
N PHE B 268 25.66 8.84 16.36
CA PHE B 268 25.09 8.79 17.71
C PHE B 268 23.59 8.53 17.61
N SER B 269 23.14 7.41 18.17
CA SER B 269 21.72 7.06 17.97
C SER B 269 21.24 5.93 18.86
N PRO B 270 19.98 5.96 19.30
CA PRO B 270 19.35 4.75 19.85
C PRO B 270 19.33 3.62 18.84
N GLU B 271 19.43 3.93 17.55
CA GLU B 271 19.38 2.88 16.54
C GLU B 271 20.53 1.88 16.71
N PHE B 272 21.66 2.30 17.26
CA PHE B 272 22.73 1.35 17.48
C PHE B 272 22.31 0.25 18.44
N SER B 273 21.49 0.60 19.44
CA SER B 273 20.99 -0.39 20.39
C SER B 273 19.77 -1.13 19.86
N ASP B 274 18.90 -0.48 19.09
CA ASP B 274 17.87 -1.24 18.38
C ASP B 274 18.52 -2.29 17.47
N PHE B 275 19.63 -1.92 16.81
CA PHE B 275 20.35 -2.84 15.93
C PHE B 275 20.92 -3.99 16.72
N GLN B 276 21.34 -3.74 17.97
CA GLN B 276 21.81 -4.81 18.82
C GLN B 276 20.72 -5.87 19.04
N LEU B 277 19.46 -5.48 19.06
CA LEU B 277 18.41 -6.49 19.16
C LEU B 277 18.46 -7.43 17.97
N VAL B 278 18.59 -6.87 16.77
CA VAL B 278 18.72 -7.69 15.57
C VAL B 278 19.89 -8.67 15.71
N LEU B 279 21.06 -8.16 16.10
CA LEU B 279 22.23 -9.03 16.26
C LEU B 279 21.99 -10.12 17.30
N ASP B 280 21.34 -9.77 18.42
CA ASP B 280 21.04 -10.74 19.46
C ASP B 280 20.25 -11.91 18.87
N GLN B 281 19.23 -11.60 18.09
CA GLN B 281 18.39 -12.66 17.55
C GLN B 281 19.10 -13.43 16.45
N LEU B 282 19.84 -12.75 15.57
CA LEU B 282 20.59 -13.44 14.54
C LEU B 282 21.56 -14.44 15.17
N ALA B 283 22.22 -14.04 16.27
CA ALA B 283 23.17 -14.93 16.92
C ALA B 283 22.46 -16.12 17.57
N LYS B 284 21.34 -15.86 18.26
CA LYS B 284 20.60 -16.94 18.91
C LYS B 284 20.06 -17.95 17.91
N ASN B 285 19.71 -17.50 16.70
CA ASN B 285 19.25 -18.38 15.64
C ASN B 285 20.38 -19.05 14.88
N HIS B 286 21.63 -18.73 15.18
CA HIS B 286 22.77 -19.21 14.40
C HIS B 286 22.61 -18.88 12.92
N ASN B 287 22.13 -17.67 12.64
CA ASN B 287 22.09 -17.20 11.26
C ASN B 287 23.50 -16.84 10.79
N GLU B 288 23.82 -17.20 9.56
CA GLU B 288 24.96 -16.60 8.89
C GLU B 288 24.41 -15.41 8.12
N VAL B 289 25.09 -14.27 8.21
CA VAL B 289 24.53 -13.02 7.70
C VAL B 289 25.54 -12.33 6.80
N LEU B 290 25.05 -11.77 5.68
CA LEU B 290 25.78 -10.78 4.91
C LEU B 290 25.16 -9.41 5.17
N PHE B 291 25.93 -8.52 5.78
CA PHE B 291 25.51 -7.14 5.95
C PHE B 291 26.07 -6.29 4.82
N ILE B 292 25.24 -5.36 4.34
CA ILE B 292 25.61 -4.43 3.27
C ILE B 292 25.44 -3.01 3.79
N ILE B 293 26.46 -2.18 3.61
CA ILE B 293 26.43 -0.77 4.00
C ILE B 293 26.59 0.08 2.75
N PRO B 294 25.54 0.76 2.30
CA PRO B 294 25.62 1.56 1.07
C PRO B 294 26.27 2.90 1.33
N PRO B 295 26.74 3.53 0.30
CA PRO B 295 27.25 4.90 0.42
C PRO B 295 26.12 5.90 0.28
N VAL B 296 26.48 7.18 0.37
CA VAL B 296 25.65 8.28 -0.11
C VAL B 296 26.33 8.86 -1.34
N ASN B 297 25.58 9.03 -2.42
CA ASN B 297 26.02 9.63 -3.68
C ASN B 297 26.83 10.89 -3.42
N GLU B 298 28.11 10.87 -3.86
CA GLU B 298 29.04 11.96 -3.55
C GLU B 298 28.66 13.26 -4.26
N LYS B 299 28.07 13.21 -5.45
CA LYS B 299 27.63 14.46 -6.06
C LYS B 299 26.56 15.11 -5.22
N TRP B 300 25.72 14.30 -4.58
CA TRP B 300 24.67 14.82 -3.71
C TRP B 300 25.25 15.32 -2.40
N SER B 301 26.10 14.54 -1.75
CA SER B 301 26.68 15.00 -0.48
C SER B 301 27.54 16.25 -0.69
N ASP B 302 28.24 16.35 -1.82
CA ASP B 302 28.97 17.57 -2.12
C ASP B 302 28.05 18.78 -2.06
N TYR B 303 26.83 18.62 -2.58
CA TYR B 303 25.88 19.73 -2.62
C TYR B 303 25.26 20.01 -1.25
N THR B 304 24.84 18.97 -0.54
CA THR B 304 24.17 19.20 0.73
C THR B 304 25.14 19.43 1.88
N GLY B 305 26.42 19.12 1.69
CA GLY B 305 27.41 19.20 2.74
C GLY B 305 27.45 18.04 3.69
N LEU B 306 26.63 17.01 3.49
CA LEU B 306 26.74 15.80 4.30
C LEU B 306 28.17 15.29 4.25
N SER B 307 28.74 15.00 5.42
CA SER B 307 30.15 14.66 5.50
C SER B 307 30.40 13.18 5.20
N GLN B 308 31.23 12.94 4.20
CA GLN B 308 31.70 11.59 3.91
C GLN B 308 32.62 11.07 5.01
N GLU B 309 33.42 11.95 5.63
CA GLU B 309 34.21 11.53 6.78
C GLU B 309 33.30 11.05 7.90
N MET B 310 32.19 11.75 8.12
CA MET B 310 31.22 11.29 9.11
C MET B 310 30.67 9.91 8.76
N LEU B 311 30.34 9.67 7.48
CA LEU B 311 29.82 8.37 7.06
C LEU B 311 30.84 7.27 7.27
N GLN B 312 32.13 7.58 7.04
CA GLN B 312 33.18 6.62 7.34
C GLN B 312 33.24 6.30 8.82
N GLY B 313 32.98 7.31 9.66
CA GLY B 313 32.92 7.07 11.09
C GLY B 313 31.73 6.22 11.47
N PHE B 314 30.58 6.48 10.85
CA PHE B 314 29.45 5.59 11.06
C PHE B 314 29.83 4.15 10.72
N ALA B 315 30.47 3.95 9.55
CA ALA B 315 30.84 2.61 9.13
C ALA B 315 31.80 1.95 10.12
N LYS B 316 32.79 2.71 10.58
CA LYS B 316 33.75 2.19 11.55
C LYS B 316 33.03 1.73 12.82
N LYS B 317 32.08 2.53 13.31
CA LYS B 317 31.34 2.21 14.51
C LYS B 317 30.48 0.96 14.32
N ILE B 318 29.75 0.89 13.20
CA ILE B 318 28.88 -0.27 13.02
C ILE B 318 29.70 -1.53 12.78
N LYS B 319 30.83 -1.41 12.07
CA LYS B 319 31.72 -2.56 11.88
C LYS B 319 32.37 -3.01 13.18
N PHE B 320 32.65 -2.08 14.11
CA PHE B 320 33.12 -2.50 15.42
C PHE B 320 32.06 -3.34 16.14
N GLN B 321 30.81 -2.88 16.13
CA GLN B 321 29.75 -3.61 16.80
C GLN B 321 29.58 -4.99 16.18
N LEU B 322 29.64 -5.07 14.85
CA LEU B 322 29.53 -6.34 14.14
C LEU B 322 30.72 -7.24 14.42
N ASN B 323 31.94 -6.78 14.11
CA ASN B 323 33.12 -7.63 14.16
C ASN B 323 33.45 -8.06 15.58
N SER B 324 33.28 -7.15 16.55
CA SER B 324 33.58 -7.48 17.93
C SER B 324 32.74 -8.65 18.43
N GLN B 325 31.59 -8.91 17.80
CA GLN B 325 30.67 -9.96 18.22
C GLN B 325 30.66 -11.16 17.29
N GLY B 326 31.49 -11.17 16.26
CA GLY B 326 31.64 -12.32 15.40
C GLY B 326 30.99 -12.22 14.04
N PHE B 327 30.33 -11.10 13.74
CA PHE B 327 29.71 -10.88 12.44
C PHE B 327 30.77 -10.26 11.55
N ASN B 328 31.39 -11.08 10.70
CA ASN B 328 32.56 -10.63 9.96
C ASN B 328 32.33 -10.64 8.45
N ARG B 329 31.11 -10.85 8.01
CA ARG B 329 30.76 -10.93 6.59
C ARG B 329 29.98 -9.66 6.26
N ILE B 330 30.71 -8.68 5.74
CA ILE B 330 30.21 -7.31 5.59
C ILE B 330 30.67 -6.80 4.23
N ALA B 331 29.73 -6.36 3.41
CA ALA B 331 30.02 -5.61 2.18
C ALA B 331 29.88 -4.13 2.50
N ASP B 332 31.00 -3.47 2.79
CA ASP B 332 31.01 -2.05 3.11
C ASP B 332 31.29 -1.28 1.83
N PHE B 333 30.26 -0.62 1.30
CA PHE B 333 30.38 0.13 0.07
C PHE B 333 30.45 1.64 0.31
N VAL B 334 30.78 2.09 1.52
CA VAL B 334 30.81 3.52 1.81
C VAL B 334 31.78 4.22 0.88
N ASN B 335 32.88 3.56 0.51
CA ASN B 335 33.87 4.16 -0.37
C ASN B 335 33.46 4.15 -1.84
N GLN B 336 32.26 3.70 -2.18
CA GLN B 336 31.74 3.76 -3.54
C GLN B 336 30.90 5.01 -3.78
N ALA B 337 30.95 5.98 -2.86
CA ALA B 337 30.19 7.21 -3.01
C ALA B 337 30.41 7.92 -4.35
N GLY B 338 31.62 7.85 -4.90
CA GLY B 338 31.94 8.46 -6.17
C GLY B 338 31.68 7.63 -7.41
N THR B 339 31.19 6.41 -7.26
CA THR B 339 30.93 5.53 -8.40
C THR B 339 29.60 5.92 -9.02
N ASN B 340 29.62 6.43 -10.25
CA ASN B 340 28.38 6.85 -10.88
C ASN B 340 27.39 5.69 -10.94
N TYR B 341 26.12 6.02 -10.68
CA TYR B 341 25.01 5.09 -10.83
C TYR B 341 25.03 3.99 -9.78
N PHE B 342 25.84 4.12 -8.73
CA PHE B 342 25.80 3.14 -7.65
C PHE B 342 24.49 3.24 -6.89
N MET B 343 24.03 4.47 -6.63
CA MET B 343 22.75 4.73 -6.00
C MET B 343 21.78 5.26 -7.04
N GLU B 344 20.51 4.89 -6.87
CA GLU B 344 19.47 5.36 -7.77
C GLU B 344 19.08 6.78 -7.42
N ASP B 345 19.19 7.15 -6.16
CA ASP B 345 18.85 8.49 -5.69
C ASP B 345 19.75 8.86 -4.51
N THR B 346 19.21 9.59 -3.53
CA THR B 346 20.04 10.09 -2.44
C THR B 346 20.27 9.07 -1.33
N ILE B 347 19.56 7.95 -1.32
CA ILE B 347 19.80 7.04 -0.22
C ILE B 347 19.73 5.58 -0.66
N HIS B 348 19.12 5.31 -1.81
CA HIS B 348 18.73 3.94 -2.17
C HIS B 348 19.71 3.36 -3.18
N LEU B 349 20.14 2.12 -2.93
CA LEU B 349 20.96 1.39 -3.88
C LEU B 349 20.31 1.36 -5.25
N GLY B 350 21.15 1.49 -6.29
CA GLY B 350 20.72 1.57 -7.66
C GLY B 350 21.42 0.56 -8.55
N TRP B 351 21.49 0.85 -9.85
CA TRP B 351 21.91 -0.16 -10.82
C TRP B 351 23.28 -0.75 -10.49
N LYS B 352 24.29 0.11 -10.41
CA LYS B 352 25.64 -0.39 -10.16
C LYS B 352 25.80 -0.90 -8.74
N GLY B 353 25.06 -0.32 -7.79
CA GLY B 353 25.19 -0.72 -6.41
C GLY B 353 24.63 -2.11 -6.16
N TRP B 354 23.43 -2.37 -6.68
CA TRP B 354 22.89 -3.73 -6.59
C TRP B 354 23.78 -4.75 -7.32
N LEU B 355 24.37 -4.35 -8.45
CA LEU B 355 25.25 -5.28 -9.13
C LEU B 355 26.50 -5.56 -8.29
N ALA B 356 27.04 -4.52 -7.65
CA ALA B 356 28.18 -4.73 -6.76
C ALA B 356 27.80 -5.63 -5.59
N ALA B 357 26.60 -5.41 -5.04
CA ALA B 357 26.11 -6.26 -3.96
C ALA B 357 26.02 -7.72 -4.40
N ASP B 358 25.62 -7.96 -5.66
CA ASP B 358 25.52 -9.33 -6.14
C ASP B 358 26.86 -10.05 -6.10
N GLN B 359 27.97 -9.32 -6.27
CA GLN B 359 29.28 -9.96 -6.22
C GLN B 359 29.58 -10.59 -4.87
N GLN B 360 28.92 -10.15 -3.80
CA GLN B 360 29.03 -10.77 -2.49
C GLN B 360 27.82 -11.61 -2.12
N ILE B 361 26.62 -11.24 -2.58
CA ILE B 361 25.44 -12.04 -2.28
C ILE B 361 25.53 -13.41 -2.95
N ARG B 362 25.87 -13.41 -4.24
CA ARG B 362 25.89 -14.64 -5.02
C ARG B 362 26.81 -15.72 -4.44
N PRO B 363 28.10 -15.48 -4.24
CA PRO B 363 28.92 -16.58 -3.68
C PRO B 363 28.49 -17.02 -2.29
N PHE B 364 27.93 -16.11 -1.48
CA PHE B 364 27.43 -16.46 -0.16
C PHE B 364 26.26 -17.42 -0.27
N LEU B 365 25.23 -17.02 -1.01
CA LEU B 365 24.01 -17.82 -1.05
C LEU B 365 24.18 -19.08 -1.90
N GLU B 366 25.09 -19.07 -2.88
CA GLU B 366 25.36 -20.25 -3.71
C GLU B 366 26.48 -21.11 -3.16
N GLU B 367 27.08 -20.72 -2.03
CA GLU B 367 28.09 -21.53 -1.37
C GLU B 367 29.33 -21.79 -2.23
N ASN B 368 29.74 -20.80 -3.04
CA ASN B 368 31.02 -20.96 -3.71
C ASN B 368 32.14 -21.13 -2.69
N HIS B 369 32.06 -20.36 -1.61
CA HIS B 369 32.97 -20.46 -0.47
C HIS B 369 32.08 -20.43 0.76
N ILE B 370 32.56 -21.02 1.86
CA ILE B 370 31.80 -21.13 3.09
C ILE B 370 32.71 -20.72 4.26
N THR B 371 32.22 -19.83 5.10
CA THR B 371 32.87 -19.54 6.37
C THR B 371 31.85 -19.70 7.49
N ALA B 372 32.37 -20.03 8.67
CA ALA B 372 31.57 -20.28 9.84
C ALA B 372 31.70 -19.12 10.81
N SER B 373 30.58 -18.56 11.22
CA SER B 373 30.55 -17.51 12.22
C SER B 373 30.25 -18.11 13.59
N LYS B 374 30.97 -17.62 14.60
CA LYS B 374 30.70 -17.95 16.00
C LYS B 374 30.59 -16.64 16.76
N TYR B 375 29.48 -16.47 17.46
CA TYR B 375 29.10 -15.17 17.99
C TYR B 375 29.44 -15.07 19.47
N HIS B 376 29.82 -13.86 19.86
CA HIS B 376 30.12 -13.47 21.24
C HIS B 376 29.36 -12.17 21.49
N LEU B 377 28.08 -12.31 21.84
CA LEU B 377 27.25 -11.13 22.07
C LEU B 377 27.72 -10.37 23.31
N ASP B 378 27.63 -9.04 23.22
CA ASP B 378 27.93 -8.16 24.33
C ASP B 378 26.75 -7.24 24.57
N ASP B 379 26.14 -7.37 25.75
CA ASP B 379 25.00 -6.53 26.11
C ASP B 379 25.36 -5.07 26.33
N ALA B 380 26.65 -4.73 26.47
CA ALA B 380 27.03 -3.33 26.50
C ALA B 380 26.49 -2.53 25.31
N PHE B 381 26.20 -3.19 24.19
CA PHE B 381 25.75 -2.46 23.01
C PHE B 381 24.32 -1.96 23.14
N PHE B 382 23.61 -2.35 24.18
CA PHE B 382 22.32 -1.75 24.51
C PHE B 382 22.46 -0.43 25.27
N SER B 383 23.66 -0.09 25.75
CA SER B 383 23.85 1.03 26.67
C SER B 383 23.80 2.37 25.95
N LYS B 384 23.40 3.40 26.70
CA LYS B 384 23.51 4.76 26.21
C LYS B 384 24.96 5.14 25.92
N SER B 385 25.91 4.60 26.70
CA SER B 385 27.31 4.84 26.40
C SER B 385 27.63 4.45 24.96
N TRP B 386 27.21 3.27 24.54
CA TRP B 386 27.48 2.86 23.16
C TRP B 386 26.76 3.77 22.16
N GLN B 387 25.50 4.09 22.41
CA GLN B 387 24.76 4.98 21.52
C GLN B 387 25.50 6.29 21.29
N HIS B 388 26.22 6.78 22.30
CA HIS B 388 26.91 8.07 22.24
C HIS B 388 28.39 7.95 21.93
N GLN B 389 28.88 6.72 21.71
CA GLN B 389 30.30 6.46 21.57
C GLN B 389 30.87 7.08 20.30
N ILE B 390 31.95 7.84 20.45
CA ILE B 390 32.64 8.40 19.28
C ILE B 390 33.49 7.31 18.65
N PRO B 391 33.41 7.11 17.32
CA PRO B 391 34.09 5.96 16.70
C PRO B 391 35.61 6.01 16.74
N ASP B 392 36.21 7.19 16.86
CA ASP B 392 37.61 7.34 16.46
C ASP B 392 38.57 6.57 17.35
N LYS B 393 38.27 6.40 18.61
CA LYS B 393 39.19 5.67 19.48
C LYS B 393 38.97 4.16 19.47
N LEU B 394 37.90 3.67 18.84
CA LEU B 394 37.66 2.24 18.81
C LEU B 394 38.78 1.51 18.09
N GLN B 395 39.18 0.37 18.64
CA GLN B 395 40.21 -0.45 18.03
C GLN B 395 39.92 -1.92 18.35
N LEU B 396 39.96 -2.75 17.33
CA LEU B 396 39.91 -4.20 17.48
C LEU B 396 41.25 -4.79 17.05
#